data_7TH4
#
_entry.id   7TH4
#
_cell.length_a   45.069
_cell.length_b   89.545
_cell.length_c   161.258
_cell.angle_alpha   90.000
_cell.angle_beta   90.000
_cell.angle_gamma   90.000
#
_symmetry.space_group_name_H-M   'P 21 21 21'
#
loop_
_entity.id
_entity.type
_entity.pdbx_description
1 polymer 'Methylenetetrahydrofolate reductase'
2 non-polymer 'FLAVIN-ADENINE DINUCLEOTIDE'
3 non-polymer 'N-[4-({[(6S)-2-amino-5-formyl-4-oxo-3,4,5,6,7,8-hexahydropteridin-6-yl]methyl}amino)benzoyl]-L-glutamic acid'
4 non-polymer 'CHLORIDE ION'
5 non-polymer 'ACETATE ION'
6 water water
#
_entity_poly.entity_id   1
_entity_poly.type   'polypeptide(L)'
_entity_poly.pdbx_seq_one_letter_code
;MKIRDLLKARRGPLFSFEFFPPKDPEGEEALFRTLEELKAFRPAFVSITYGAMGSTRERSVAWAQRIQSLGLNPLAHLTV
AGQSRKEVAEVLHRFVESGVENLLALRGDPPRGERVFRPHPEGFRYAAELVALIRERYGDRVSVGGAAYPEGHPESESLE
ADLRHFKAKVEAGLDFAITQLFFNNAHYFGFLERARRAGIGIPILPGIMPVTSYRQLRRFTEVCGASIPGPLLAKLERHQ
DDPKAVLEIGVEHAVRQVAELLEAGVEGVHFYTLNKSPATRMVLERLGLRPASGQP
;
_entity_poly.pdbx_strand_id   A,B
#
loop_
_chem_comp.id
_chem_comp.type
_chem_comp.name
_chem_comp.formula
ACT non-polymer 'ACETATE ION' 'C2 H3 O2 -1'
CL non-polymer 'CHLORIDE ION' 'Cl -1'
FAD non-polymer 'FLAVIN-ADENINE DINUCLEOTIDE' 'C27 H33 N9 O15 P2'
FFO non-polymer 'N-[4-({[(6S)-2-amino-5-formyl-4-oxo-3,4,5,6,7,8-hexahydropteridin-6-yl]methyl}amino)benzoyl]-L-glutamic acid' 'C20 H23 N7 O7'
#
# COMPACT_ATOMS: atom_id res chain seq x y z
N MET A 1 4.60 27.73 -6.31
CA MET A 1 4.83 27.12 -4.97
C MET A 1 5.70 25.87 -5.06
N LYS A 2 6.48 25.62 -4.01
CA LYS A 2 7.22 24.37 -3.92
C LYS A 2 6.25 23.19 -3.77
N ILE A 3 6.56 22.12 -4.51
CA ILE A 3 5.73 20.91 -4.47
C ILE A 3 5.63 20.34 -3.05
N ARG A 4 6.70 20.38 -2.27
CA ARG A 4 6.57 19.85 -0.92
C ARG A 4 5.49 20.61 -0.12
N ASP A 5 5.36 21.93 -0.35
CA ASP A 5 4.37 22.76 0.29
C ASP A 5 2.96 22.47 -0.26
N LEU A 6 2.84 22.34 -1.60
CA LEU A 6 1.56 21.97 -2.19
C LEU A 6 1.06 20.65 -1.62
N LEU A 7 1.97 19.71 -1.37
CA LEU A 7 1.56 18.42 -0.84
C LEU A 7 1.07 18.53 0.60
N LYS A 8 1.77 19.33 1.41
CA LYS A 8 1.43 19.52 2.82
C LYS A 8 0.09 20.25 2.99
N ALA A 9 -0.34 20.99 1.97
CA ALA A 9 -1.44 21.94 2.08
C ALA A 9 -2.71 21.42 1.43
N ARG A 10 -2.65 20.26 0.77
CA ARG A 10 -3.63 19.98 -0.26
C ARG A 10 -5.04 19.92 0.35
N ARG A 11 -6.05 20.35 -0.42
CA ARG A 11 -7.45 20.19 -0.06
C ARG A 11 -8.03 18.96 -0.74
N GLY A 12 -7.25 18.40 -1.66
CA GLY A 12 -7.60 17.18 -2.37
C GLY A 12 -6.37 16.68 -3.12
N PRO A 13 -6.47 15.58 -3.90
CA PRO A 13 -5.30 15.07 -4.64
C PRO A 13 -4.74 16.10 -5.64
N LEU A 14 -3.41 16.17 -5.73
CA LEU A 14 -2.73 16.98 -6.72
C LEU A 14 -2.71 16.21 -8.04
N PHE A 15 -3.14 16.89 -9.12
CA PHE A 15 -2.98 16.31 -10.44
C PHE A 15 -1.91 17.08 -11.24
N SER A 16 -0.97 16.35 -11.82
CA SER A 16 0.12 16.93 -12.57
C SER A 16 0.23 16.25 -13.92
N PHE A 17 0.93 16.92 -14.84
CA PHE A 17 0.96 16.53 -16.23
C PHE A 17 2.36 16.75 -16.77
N GLU A 18 2.87 15.71 -17.41
CA GLU A 18 4.18 15.73 -18.06
C GLU A 18 3.99 15.49 -19.55
N PHE A 19 4.52 16.43 -20.33
CA PHE A 19 4.53 16.40 -21.77
C PHE A 19 5.92 16.08 -22.31
N PHE A 20 6.12 16.19 -23.63
CA PHE A 20 7.32 15.72 -24.33
C PHE A 20 7.81 16.80 -25.26
N PRO A 21 9.14 16.83 -25.53
CA PRO A 21 9.66 17.82 -26.47
C PRO A 21 8.87 17.76 -27.78
N PRO A 22 8.37 18.91 -28.26
CA PRO A 22 7.62 18.92 -29.52
C PRO A 22 8.56 18.60 -30.69
N LYS A 23 8.01 18.04 -31.78
CA LYS A 23 8.78 17.59 -32.93
C LYS A 23 9.01 18.70 -33.95
N ASP A 24 8.21 19.75 -33.92
CA ASP A 24 8.33 20.81 -34.93
C ASP A 24 7.72 22.08 -34.36
N PRO A 25 7.89 23.24 -35.03
CA PRO A 25 7.37 24.50 -34.49
C PRO A 25 5.85 24.53 -34.29
N GLU A 26 5.08 24.01 -35.27
CA GLU A 26 3.63 23.92 -35.12
C GLU A 26 3.29 23.11 -33.86
N GLY A 27 4.03 22.02 -33.66
CA GLY A 27 3.73 21.14 -32.54
C GLY A 27 4.03 21.83 -31.20
N GLU A 28 5.09 22.64 -31.18
CA GLU A 28 5.47 23.39 -30.00
C GLU A 28 4.39 24.39 -29.65
N GLU A 29 3.89 25.14 -30.67
CA GLU A 29 2.82 26.09 -30.39
C GLU A 29 1.55 25.37 -29.92
N ALA A 30 1.25 24.22 -30.54
CA ALA A 30 0.08 23.43 -30.15
C ALA A 30 0.21 22.94 -28.70
N LEU A 31 1.42 22.55 -28.28
CA LEU A 31 1.65 22.12 -26.89
C LEU A 31 1.37 23.25 -25.92
N PHE A 32 1.82 24.49 -26.24
CA PHE A 32 1.62 25.60 -25.33
C PHE A 32 0.16 26.07 -25.31
N ARG A 33 -0.57 25.89 -26.43
CA ARG A 33 -2.01 26.11 -26.39
C ARG A 33 -2.68 25.05 -25.51
N THR A 34 -2.19 23.80 -25.57
CA THR A 34 -2.71 22.71 -24.73
C THR A 34 -2.49 23.02 -23.25
N LEU A 35 -1.32 23.58 -22.92
CA LEU A 35 -1.05 23.95 -21.54
C LEU A 35 -1.98 25.07 -21.09
N GLU A 36 -2.26 26.03 -21.99
CA GLU A 36 -3.23 27.06 -21.68
C GLU A 36 -4.60 26.43 -21.39
N GLU A 37 -5.05 25.49 -22.23
CA GLU A 37 -6.34 24.82 -22.07
C GLU A 37 -6.35 24.00 -20.78
N LEU A 38 -5.16 23.57 -20.34
CA LEU A 38 -5.04 22.66 -19.21
C LEU A 38 -5.36 23.35 -17.89
N LYS A 39 -5.31 24.68 -17.83
CA LYS A 39 -5.74 25.37 -16.61
C LYS A 39 -7.15 24.96 -16.16
N ALA A 40 -7.96 24.46 -17.10
CA ALA A 40 -9.31 23.99 -16.76
C ALA A 40 -9.26 22.91 -15.70
N PHE A 41 -8.13 22.19 -15.62
CA PHE A 41 -7.99 21.08 -14.71
C PHE A 41 -7.24 21.49 -13.44
N ARG A 42 -6.84 22.77 -13.34
CA ARG A 42 -6.13 23.32 -12.19
C ARG A 42 -4.92 22.46 -11.82
N PRO A 43 -3.95 22.24 -12.73
CA PRO A 43 -2.84 21.34 -12.45
C PRO A 43 -1.93 21.87 -11.33
N ALA A 44 -1.52 20.97 -10.45
CA ALA A 44 -0.60 21.33 -9.38
C ALA A 44 0.77 21.73 -9.93
N PHE A 45 1.24 21.05 -10.96
CA PHE A 45 2.47 21.37 -11.66
C PHE A 45 2.43 20.72 -13.03
N VAL A 46 3.28 21.22 -13.95
CA VAL A 46 3.36 20.74 -15.32
C VAL A 46 4.84 20.68 -15.66
N SER A 47 5.21 19.77 -16.54
CA SER A 47 6.58 19.64 -17.00
C SER A 47 6.63 19.20 -18.45
N ILE A 48 7.80 19.36 -19.05
CA ILE A 48 8.13 18.76 -20.31
C ILE A 48 9.41 17.95 -20.12
N THR A 49 9.38 16.72 -20.60
CA THR A 49 10.50 15.79 -20.46
C THR A 49 11.76 16.48 -21.00
N TYR A 50 12.92 16.26 -20.33
CA TYR A 50 14.22 16.79 -20.75
C TYR A 50 14.96 15.79 -21.65
N GLY A 51 15.48 16.20 -22.84
CA GLY A 51 16.21 15.27 -23.70
C GLY A 51 17.38 14.61 -22.95
N ALA A 52 17.51 13.27 -23.01
CA ALA A 52 18.29 12.50 -22.02
C ALA A 52 19.76 12.93 -21.96
N MET A 53 20.34 13.24 -23.13
CA MET A 53 21.76 13.52 -23.25
C MET A 53 22.02 15.03 -23.34
N GLY A 54 21.02 15.82 -22.99
CA GLY A 54 21.16 17.27 -23.00
C GLY A 54 20.80 17.92 -24.34
N SER A 55 20.12 17.19 -25.26
CA SER A 55 19.78 17.68 -26.60
C SER A 55 18.85 18.90 -26.54
N THR A 56 18.09 19.04 -25.45
CA THR A 56 17.16 20.14 -25.24
C THR A 56 17.61 21.14 -24.17
N ARG A 57 18.90 21.20 -23.83
CA ARG A 57 19.32 21.99 -22.68
C ARG A 57 18.88 23.46 -22.80
N GLU A 58 19.00 24.13 -23.96
CA GLU A 58 18.60 25.54 -24.03
C GLU A 58 17.08 25.67 -24.12
N ARG A 59 16.47 24.80 -24.95
CA ARG A 59 15.04 24.87 -25.14
C ARG A 59 14.29 24.62 -23.82
N SER A 60 14.81 23.67 -23.01
CA SER A 60 14.14 23.31 -21.76
C SER A 60 14.10 24.49 -20.78
N VAL A 61 15.17 25.31 -20.75
CA VAL A 61 15.13 26.49 -19.89
C VAL A 61 14.07 27.47 -20.38
N ALA A 62 14.04 27.68 -21.71
CA ALA A 62 13.06 28.61 -22.28
C ALA A 62 11.63 28.09 -22.08
N TRP A 63 11.43 26.76 -22.12
CA TRP A 63 10.12 26.19 -21.86
C TRP A 63 9.69 26.40 -20.40
N ALA A 64 10.61 26.26 -19.42
CA ALA A 64 10.30 26.50 -18.02
C ALA A 64 9.82 27.95 -17.86
N GLN A 65 10.52 28.88 -18.55
CA GLN A 65 10.14 30.30 -18.52
C GLN A 65 8.74 30.49 -19.11
N ARG A 66 8.45 29.82 -20.23
CA ARG A 66 7.18 30.02 -20.92
C ARG A 66 6.05 29.45 -20.07
N ILE A 67 6.28 28.28 -19.44
CA ILE A 67 5.29 27.75 -18.51
C ILE A 67 4.97 28.77 -17.40
N GLN A 68 6.00 29.37 -16.78
CA GLN A 68 5.79 30.32 -15.70
C GLN A 68 5.01 31.54 -16.20
N SER A 69 5.31 31.97 -17.42
CA SER A 69 4.66 33.18 -17.95
C SER A 69 3.19 32.90 -18.30
N LEU A 70 2.77 31.61 -18.43
CA LEU A 70 1.35 31.23 -18.53
C LEU A 70 0.65 31.14 -17.18
N GLY A 71 1.37 31.33 -16.07
CA GLY A 71 0.78 31.24 -14.74
C GLY A 71 0.69 29.79 -14.25
N LEU A 72 1.44 28.88 -14.87
CA LEU A 72 1.51 27.48 -14.42
C LEU A 72 2.78 27.29 -13.59
N ASN A 73 2.83 26.19 -12.83
CA ASN A 73 3.90 25.90 -11.91
C ASN A 73 4.78 24.85 -12.56
N PRO A 74 6.00 25.21 -13.06
CA PRO A 74 6.83 24.22 -13.74
C PRO A 74 7.58 23.31 -12.76
N LEU A 75 7.62 22.05 -13.11
CA LEU A 75 8.58 21.10 -12.58
C LEU A 75 9.64 20.93 -13.66
N ALA A 76 10.88 21.29 -13.32
CA ALA A 76 11.96 21.26 -14.28
C ALA A 76 12.67 19.92 -14.18
N HIS A 77 12.51 19.09 -15.21
CA HIS A 77 13.27 17.83 -15.30
C HIS A 77 14.71 18.16 -15.72
N LEU A 78 15.68 17.47 -15.11
CA LEU A 78 17.08 17.62 -15.46
C LEU A 78 17.77 16.26 -15.29
N THR A 79 18.51 15.85 -16.31
CA THR A 79 19.24 14.58 -16.31
C THR A 79 20.74 14.83 -16.24
N VAL A 80 21.52 13.75 -16.04
CA VAL A 80 22.98 13.85 -16.00
C VAL A 80 23.65 13.13 -17.18
N ALA A 81 22.91 12.31 -17.94
CA ALA A 81 23.49 11.57 -19.06
C ALA A 81 24.03 12.52 -20.12
N GLY A 82 25.17 12.14 -20.70
CA GLY A 82 25.64 12.80 -21.91
C GLY A 82 26.17 14.21 -21.67
N GLN A 83 26.34 14.61 -20.41
CA GLN A 83 26.63 16.00 -20.03
C GLN A 83 27.72 16.01 -18.96
N SER A 84 28.61 17.01 -18.96
CA SER A 84 29.58 17.11 -17.85
C SER A 84 28.87 17.60 -16.58
N ARG A 85 29.53 17.45 -15.42
CA ARG A 85 29.00 18.01 -14.18
C ARG A 85 28.83 19.53 -14.29
N LYS A 86 29.80 20.22 -14.92
CA LYS A 86 29.71 21.67 -15.10
C LYS A 86 28.48 22.00 -15.96
N GLU A 87 28.25 21.24 -17.04
CA GLU A 87 27.14 21.52 -17.96
C GLU A 87 25.81 21.34 -17.22
N VAL A 88 25.72 20.29 -16.36
CA VAL A 88 24.50 20.04 -15.60
C VAL A 88 24.27 21.17 -14.61
N ALA A 89 25.33 21.56 -13.90
CA ALA A 89 25.19 22.63 -12.92
C ALA A 89 24.80 23.93 -13.59
N GLU A 90 25.28 24.20 -14.82
CA GLU A 90 24.90 25.42 -15.52
C GLU A 90 23.39 25.45 -15.83
N VAL A 91 22.86 24.32 -16.30
CA VAL A 91 21.43 24.27 -16.60
C VAL A 91 20.62 24.45 -15.32
N LEU A 92 21.03 23.77 -14.25
CA LEU A 92 20.38 23.91 -12.96
C LEU A 92 20.31 25.38 -12.55
N HIS A 93 21.44 26.08 -12.68
CA HIS A 93 21.54 27.48 -12.31
C HIS A 93 20.58 28.33 -13.14
N ARG A 94 20.48 28.02 -14.44
CA ARG A 94 19.59 28.79 -15.30
C ARG A 94 18.13 28.57 -14.91
N PHE A 95 17.76 27.32 -14.54
CA PHE A 95 16.39 27.09 -14.10
C PHE A 95 16.07 27.93 -12.87
N VAL A 96 16.96 27.88 -11.85
CA VAL A 96 16.65 28.51 -10.58
C VAL A 96 16.64 30.04 -10.73
N GLU A 97 17.60 30.55 -11.51
CA GLU A 97 17.67 31.98 -11.78
C GLU A 97 16.39 32.46 -12.48
N SER A 98 15.72 31.55 -13.23
CA SER A 98 14.47 31.83 -13.94
C SER A 98 13.27 31.87 -13.00
N GLY A 99 13.43 31.44 -11.75
CA GLY A 99 12.33 31.43 -10.81
C GLY A 99 11.74 30.03 -10.58
N VAL A 100 12.32 29.01 -11.21
CA VAL A 100 11.92 27.63 -10.97
C VAL A 100 12.25 27.23 -9.53
N GLU A 101 11.24 26.64 -8.84
CA GLU A 101 11.31 26.26 -7.44
C GLU A 101 11.25 24.73 -7.27
N ASN A 102 11.03 24.02 -8.37
CA ASN A 102 10.77 22.59 -8.37
C ASN A 102 11.62 21.87 -9.43
N LEU A 103 12.41 20.88 -9.00
CA LEU A 103 13.34 20.16 -9.84
C LEU A 103 13.07 18.66 -9.72
N LEU A 104 13.09 17.99 -10.86
CA LEU A 104 13.07 16.53 -10.90
C LEU A 104 14.45 16.08 -11.36
N ALA A 105 15.21 15.46 -10.42
CA ALA A 105 16.56 15.05 -10.65
C ALA A 105 16.58 13.60 -11.16
N LEU A 106 17.12 13.42 -12.35
CA LEU A 106 17.07 12.17 -13.11
C LEU A 106 18.44 11.80 -13.68
N ARG A 107 18.64 10.52 -13.92
CA ARG A 107 19.84 10.06 -14.59
C ARG A 107 19.75 10.30 -16.09
N GLY A 108 18.67 9.81 -16.71
CA GLY A 108 18.59 9.57 -18.16
C GLY A 108 18.85 8.10 -18.54
N ASP A 109 18.22 7.62 -19.61
CA ASP A 109 18.49 6.29 -20.15
C ASP A 109 19.82 6.30 -20.89
N PRO A 110 20.44 5.11 -21.07
CA PRO A 110 21.51 4.95 -22.06
C PRO A 110 20.92 5.19 -23.43
N PRO A 111 21.74 5.52 -24.46
CA PRO A 111 21.18 5.84 -25.78
C PRO A 111 20.66 4.60 -26.51
N ARG A 112 19.77 4.84 -27.50
CA ARG A 112 19.30 3.87 -28.49
C ARG A 112 18.86 2.53 -27.88
N GLY A 113 18.39 2.54 -26.63
CA GLY A 113 17.86 1.32 -26.03
C GLY A 113 18.96 0.34 -25.58
N GLU A 114 20.23 0.75 -25.58
CA GLU A 114 21.28 -0.05 -24.95
C GLU A 114 20.96 -0.38 -23.49
N ARG A 115 21.44 -1.55 -23.05
CA ARG A 115 21.16 -2.05 -21.70
C ARG A 115 22.06 -1.35 -20.69
N VAL A 116 23.33 -1.05 -21.04
CA VAL A 116 24.29 -0.58 -20.05
C VAL A 116 24.56 0.93 -20.14
N PHE A 117 24.39 1.63 -19.00
CA PHE A 117 24.65 3.07 -18.86
C PHE A 117 26.14 3.36 -18.68
N ARG A 118 26.65 4.37 -19.42
CA ARG A 118 28.01 4.87 -19.30
C ARG A 118 27.97 6.38 -19.09
N PRO A 119 28.53 6.91 -17.99
CA PRO A 119 28.48 8.35 -17.72
C PRO A 119 29.33 9.09 -18.72
N HIS A 120 29.00 10.36 -18.95
CA HIS A 120 29.89 11.28 -19.66
C HIS A 120 31.23 11.35 -18.92
N PRO A 121 32.38 11.43 -19.63
CA PRO A 121 33.70 11.39 -18.99
C PRO A 121 33.92 12.26 -17.75
N GLU A 122 33.36 13.48 -17.75
CA GLU A 122 33.47 14.36 -16.59
C GLU A 122 32.09 14.60 -15.97
N GLY A 123 31.26 13.55 -15.99
CA GLY A 123 29.85 13.66 -15.64
C GLY A 123 29.48 12.89 -14.38
N PHE A 124 28.18 12.91 -14.04
CA PHE A 124 27.62 12.11 -12.96
C PHE A 124 27.17 10.73 -13.45
N ARG A 125 27.11 9.78 -12.52
CA ARG A 125 26.63 8.42 -12.82
C ARG A 125 25.18 8.20 -12.32
N TYR A 126 24.81 8.83 -11.20
CA TYR A 126 23.55 8.53 -10.53
C TYR A 126 22.74 9.80 -10.26
N ALA A 127 21.40 9.71 -10.36
CA ALA A 127 20.53 10.83 -10.03
C ALA A 127 20.80 11.37 -8.63
N ALA A 128 21.13 10.52 -7.67
CA ALA A 128 21.41 10.94 -6.30
C ALA A 128 22.52 12.02 -6.24
N GLU A 129 23.46 11.96 -7.18
CA GLU A 129 24.56 12.94 -7.19
C GLU A 129 24.00 14.32 -7.58
N LEU A 130 23.00 14.36 -8.49
CA LEU A 130 22.34 15.60 -8.84
C LEU A 130 21.45 16.09 -7.71
N VAL A 131 20.71 15.20 -7.02
CA VAL A 131 20.00 15.62 -5.82
C VAL A 131 20.95 16.30 -4.84
N ALA A 132 22.10 15.65 -4.56
CA ALA A 132 23.03 16.23 -3.61
C ALA A 132 23.60 17.57 -4.07
N LEU A 133 23.85 17.72 -5.36
CA LEU A 133 24.34 18.99 -5.91
C LEU A 133 23.30 20.06 -5.64
N ILE A 134 22.04 19.77 -5.95
CA ILE A 134 20.99 20.77 -5.77
C ILE A 134 20.96 21.22 -4.32
N ARG A 135 20.97 20.26 -3.37
CA ARG A 135 20.94 20.61 -1.96
C ARG A 135 22.18 21.40 -1.53
N GLU A 136 23.36 21.03 -2.04
CA GLU A 136 24.58 21.72 -1.65
C GLU A 136 24.45 23.20 -2.03
N ARG A 137 23.90 23.48 -3.22
CA ARG A 137 23.90 24.81 -3.80
C ARG A 137 22.68 25.63 -3.36
N TYR A 138 21.53 24.98 -3.17
CA TYR A 138 20.31 25.74 -2.94
C TYR A 138 19.59 25.40 -1.63
N GLY A 139 20.07 24.37 -0.92
CA GLY A 139 19.45 23.94 0.34
C GLY A 139 17.96 23.69 0.14
N ASP A 140 17.12 24.24 1.02
CA ASP A 140 15.69 24.01 0.97
C ASP A 140 14.98 25.11 0.18
N ARG A 141 15.72 25.93 -0.59
CA ARG A 141 15.11 27.03 -1.33
C ARG A 141 14.40 26.48 -2.58
N VAL A 142 14.61 25.20 -2.90
CA VAL A 142 13.89 24.52 -3.96
C VAL A 142 13.35 23.20 -3.40
N SER A 143 12.38 22.64 -4.11
CA SER A 143 11.86 21.31 -3.82
C SER A 143 12.37 20.37 -4.89
N VAL A 144 12.83 19.17 -4.48
CA VAL A 144 13.50 18.22 -5.34
C VAL A 144 12.75 16.90 -5.28
N GLY A 145 12.39 16.42 -6.47
CA GLY A 145 11.86 15.06 -6.60
C GLY A 145 12.81 14.17 -7.39
N GLY A 146 12.52 12.85 -7.32
CA GLY A 146 13.20 11.89 -8.16
C GLY A 146 12.24 10.79 -8.62
N ALA A 147 12.73 9.96 -9.52
CA ALA A 147 11.95 8.85 -10.05
C ALA A 147 12.01 7.66 -9.09
N ALA A 148 10.86 6.97 -8.97
CA ALA A 148 10.73 5.72 -8.24
C ALA A 148 10.23 4.63 -9.18
N TYR A 149 10.58 3.37 -8.91
CA TYR A 149 10.27 2.28 -9.84
C TYR A 149 9.59 1.15 -9.11
N PRO A 150 8.24 1.13 -9.04
CA PRO A 150 7.52 0.08 -8.33
C PRO A 150 7.90 -1.32 -8.80
N GLU A 151 8.25 -1.48 -10.11
CA GLU A 151 8.55 -2.76 -10.73
C GLU A 151 10.06 -2.93 -10.92
N GLY A 152 10.82 -1.97 -10.41
CA GLY A 152 12.28 -2.00 -10.43
C GLY A 152 12.81 -1.40 -11.73
N HIS A 153 13.94 -0.70 -11.67
CA HIS A 153 14.66 -0.39 -12.91
C HIS A 153 14.98 -1.69 -13.66
N PRO A 154 14.81 -1.78 -15.00
CA PRO A 154 15.22 -2.98 -15.75
C PRO A 154 16.64 -3.49 -15.48
N GLU A 155 17.57 -2.56 -15.22
CA GLU A 155 18.96 -2.93 -15.04
C GLU A 155 19.27 -3.35 -13.61
N SER A 156 18.33 -3.26 -12.65
CA SER A 156 18.59 -3.69 -11.27
C SER A 156 18.56 -5.21 -11.16
N GLU A 157 19.29 -5.80 -10.19
CA GLU A 157 19.39 -7.27 -10.07
C GLU A 157 18.18 -7.86 -9.32
N SER A 158 17.51 -7.04 -8.50
CA SER A 158 16.41 -7.47 -7.65
C SER A 158 15.61 -6.27 -7.17
N LEU A 159 14.34 -6.50 -6.80
CA LEU A 159 13.54 -5.42 -6.23
C LEU A 159 14.15 -4.93 -4.91
N GLU A 160 14.76 -5.83 -4.14
CA GLU A 160 15.39 -5.47 -2.87
C GLU A 160 16.56 -4.51 -3.10
N ALA A 161 17.44 -4.80 -4.08
CA ALA A 161 18.55 -3.90 -4.38
C ALA A 161 17.98 -2.56 -4.88
N ASP A 162 16.96 -2.63 -5.75
CA ASP A 162 16.36 -1.41 -6.30
C ASP A 162 15.84 -0.51 -5.19
N LEU A 163 15.16 -1.07 -4.19
CA LEU A 163 14.66 -0.29 -3.07
C LEU A 163 15.82 0.31 -2.27
N ARG A 164 16.87 -0.47 -1.97
CA ARG A 164 18.00 0.11 -1.23
C ARG A 164 18.54 1.35 -1.96
N HIS A 165 18.63 1.26 -3.30
CA HIS A 165 19.14 2.37 -4.10
C HIS A 165 18.20 3.56 -4.08
N PHE A 166 16.89 3.30 -4.10
CA PHE A 166 15.91 4.35 -3.90
C PHE A 166 16.05 5.05 -2.55
N LYS A 167 16.21 4.26 -1.47
CA LYS A 167 16.40 4.83 -0.17
C LYS A 167 17.65 5.75 -0.15
N ALA A 168 18.73 5.33 -0.80
CA ALA A 168 19.94 6.13 -0.89
C ALA A 168 19.68 7.47 -1.58
N LYS A 169 18.85 7.44 -2.64
CA LYS A 169 18.49 8.66 -3.35
C LYS A 169 17.62 9.56 -2.50
N VAL A 170 16.63 9.00 -1.79
CA VAL A 170 15.85 9.77 -0.85
C VAL A 170 16.78 10.48 0.15
N GLU A 171 17.72 9.72 0.69
CA GLU A 171 18.63 10.26 1.71
C GLU A 171 19.54 11.36 1.15
N ALA A 172 19.77 11.40 -0.16
CA ALA A 172 20.51 12.50 -0.76
C ALA A 172 19.76 13.84 -0.65
N GLY A 173 18.43 13.81 -0.46
CA GLY A 173 17.66 15.00 -0.22
C GLY A 173 16.39 15.12 -1.05
N LEU A 174 15.67 14.02 -1.34
CA LEU A 174 14.37 14.19 -2.01
C LEU A 174 13.32 14.66 -1.01
N ASP A 175 12.41 15.53 -1.50
CA ASP A 175 11.18 15.94 -0.83
C ASP A 175 10.00 15.06 -1.27
N PHE A 176 10.08 14.48 -2.47
CA PHE A 176 8.98 13.68 -3.02
C PHE A 176 9.56 12.78 -4.11
N ALA A 177 8.74 11.83 -4.59
CA ALA A 177 9.10 11.04 -5.74
C ALA A 177 7.87 10.87 -6.61
N ILE A 178 8.14 10.58 -7.89
CA ILE A 178 7.08 10.26 -8.87
C ILE A 178 7.42 8.90 -9.42
N THR A 179 6.42 8.02 -9.52
CA THR A 179 6.76 6.71 -10.04
C THR A 179 6.78 6.65 -11.57
N GLN A 180 7.59 5.71 -12.06
CA GLN A 180 7.44 5.11 -13.38
C GLN A 180 5.97 4.70 -13.59
N LEU A 181 5.55 4.78 -14.84
CA LEU A 181 4.21 4.34 -15.19
C LEU A 181 4.04 2.86 -14.84
N PHE A 182 2.82 2.51 -14.48
CA PHE A 182 2.44 1.12 -14.19
C PHE A 182 0.98 0.96 -14.58
N PHE A 183 0.62 -0.31 -14.83
CA PHE A 183 -0.71 -0.73 -15.23
C PHE A 183 -1.36 -1.64 -14.19
N ASN A 184 -0.60 -2.15 -13.25
CA ASN A 184 -1.10 -3.05 -12.21
C ASN A 184 -0.96 -2.34 -10.87
N ASN A 185 -2.05 -1.81 -10.32
CA ASN A 185 -1.98 -1.04 -9.09
C ASN A 185 -1.30 -1.83 -7.96
N ALA A 186 -1.49 -3.15 -7.93
CA ALA A 186 -0.89 -3.92 -6.81
C ALA A 186 0.62 -3.67 -6.77
N HIS A 187 1.25 -3.45 -7.92
CA HIS A 187 2.70 -3.29 -7.89
C HIS A 187 3.10 -1.94 -7.28
N TYR A 188 2.26 -0.92 -7.46
CA TYR A 188 2.47 0.39 -6.82
C TYR A 188 2.27 0.26 -5.31
N PHE A 189 1.17 -0.39 -4.91
CA PHE A 189 0.93 -0.55 -3.49
C PHE A 189 2.03 -1.40 -2.83
N GLY A 190 2.51 -2.42 -3.54
CA GLY A 190 3.63 -3.22 -3.05
C GLY A 190 4.92 -2.43 -2.82
N PHE A 191 5.22 -1.55 -3.79
CA PHE A 191 6.39 -0.68 -3.65
C PHE A 191 6.22 0.25 -2.45
N LEU A 192 5.03 0.84 -2.25
CA LEU A 192 4.80 1.67 -1.07
C LEU A 192 5.05 0.88 0.21
N GLU A 193 4.60 -0.37 0.26
CA GLU A 193 4.78 -1.20 1.46
C GLU A 193 6.26 -1.47 1.69
N ARG A 194 7.01 -1.76 0.61
CA ARG A 194 8.45 -1.97 0.77
C ARG A 194 9.10 -0.67 1.29
N ALA A 195 8.65 0.46 0.72
CA ALA A 195 9.15 1.75 1.18
C ALA A 195 8.85 1.98 2.66
N ARG A 196 7.62 1.69 3.10
CA ARG A 196 7.25 1.85 4.50
C ARG A 196 8.14 0.98 5.40
N ARG A 197 8.37 -0.25 5.00
CA ARG A 197 9.18 -1.15 5.86
C ARG A 197 10.64 -0.66 5.94
N ALA A 198 11.08 0.06 4.92
CA ALA A 198 12.42 0.62 4.83
C ALA A 198 12.52 2.00 5.51
N GLY A 199 11.43 2.48 6.08
CA GLY A 199 11.44 3.75 6.79
C GLY A 199 11.40 4.98 5.88
N ILE A 200 10.85 4.83 4.69
CA ILE A 200 10.70 5.96 3.78
C ILE A 200 9.33 6.59 3.93
N GLY A 201 9.31 7.88 4.29
CA GLY A 201 8.09 8.59 4.63
C GLY A 201 7.68 9.65 3.61
N ILE A 202 8.54 9.95 2.62
CA ILE A 202 8.23 11.04 1.70
C ILE A 202 7.01 10.71 0.86
N PRO A 203 6.30 11.73 0.34
CA PRO A 203 5.24 11.49 -0.64
C PRO A 203 5.78 10.85 -1.91
N ILE A 204 5.03 9.85 -2.41
CA ILE A 204 5.37 9.09 -3.58
C ILE A 204 4.13 9.10 -4.48
N LEU A 205 4.17 9.88 -5.57
CA LEU A 205 3.02 10.07 -6.44
C LEU A 205 3.06 9.03 -7.53
N PRO A 206 1.91 8.33 -7.75
CA PRO A 206 1.87 7.36 -8.84
C PRO A 206 1.84 8.11 -10.19
N GLY A 207 2.60 7.56 -11.11
CA GLY A 207 2.61 8.01 -12.49
C GLY A 207 1.76 7.04 -13.33
N ILE A 208 0.89 7.65 -14.15
CA ILE A 208 -0.06 6.94 -14.98
C ILE A 208 0.09 7.43 -16.42
N MET A 209 0.23 6.49 -17.33
CA MET A 209 0.20 6.74 -18.76
C MET A 209 -0.84 5.80 -19.35
N PRO A 210 -2.01 6.31 -19.78
CA PRO A 210 -2.99 5.45 -20.42
C PRO A 210 -2.40 4.88 -21.70
N VAL A 211 -2.76 3.64 -22.03
CA VAL A 211 -2.34 3.08 -23.31
C VAL A 211 -3.15 3.78 -24.41
N THR A 212 -2.44 4.36 -25.36
CA THR A 212 -3.09 5.04 -26.49
C THR A 212 -2.78 4.39 -27.85
N SER A 213 -1.68 3.63 -27.95
CA SER A 213 -1.35 2.88 -29.17
C SER A 213 -0.78 1.53 -28.78
N TYR A 214 -1.13 0.50 -29.55
CA TYR A 214 -0.57 -0.82 -29.39
C TYR A 214 0.95 -0.82 -29.51
N ARG A 215 1.50 0.01 -30.41
CA ARG A 215 2.95 0.08 -30.61
C ARG A 215 3.67 0.44 -29.30
N GLN A 216 3.01 1.12 -28.36
CA GLN A 216 3.66 1.56 -27.11
C GLN A 216 4.12 0.39 -26.24
N LEU A 217 3.55 -0.80 -26.42
CA LEU A 217 3.79 -1.82 -25.40
C LEU A 217 5.27 -2.20 -25.35
N ARG A 218 5.96 -2.16 -26.49
CA ARG A 218 7.36 -2.51 -26.53
C ARG A 218 8.16 -1.55 -25.65
N ARG A 219 7.91 -0.23 -25.75
CA ARG A 219 8.63 0.71 -24.91
C ARG A 219 8.24 0.49 -23.44
N PHE A 220 6.95 0.32 -23.16
CA PHE A 220 6.51 0.20 -21.78
C PHE A 220 7.21 -0.98 -21.10
N THR A 221 7.35 -2.12 -21.82
CA THR A 221 7.92 -3.31 -21.18
C THR A 221 9.45 -3.28 -21.23
N GLU A 222 10.04 -2.88 -22.36
CA GLU A 222 11.48 -3.05 -22.57
C GLU A 222 12.28 -1.89 -21.97
N VAL A 223 11.74 -0.67 -22.10
CA VAL A 223 12.43 0.51 -21.63
C VAL A 223 11.97 0.86 -20.22
N CYS A 224 10.65 0.99 -20.06
CA CYS A 224 10.10 1.43 -18.79
C CYS A 224 10.12 0.31 -17.74
N GLY A 225 10.11 -0.96 -18.17
CA GLY A 225 10.10 -2.07 -17.23
C GLY A 225 8.74 -2.35 -16.58
N ALA A 226 7.65 -1.83 -17.20
CA ALA A 226 6.30 -2.03 -16.69
C ALA A 226 5.74 -3.36 -17.20
N SER A 227 4.96 -4.01 -16.35
CA SER A 227 4.27 -5.24 -16.76
C SER A 227 2.86 -4.87 -17.24
N ILE A 228 2.37 -5.62 -18.22
CA ILE A 228 1.02 -5.43 -18.73
C ILE A 228 0.16 -6.57 -18.16
N PRO A 229 -0.82 -6.29 -17.29
CA PRO A 229 -1.63 -7.36 -16.70
C PRO A 229 -2.39 -8.13 -17.77
N GLY A 230 -2.59 -9.43 -17.49
CA GLY A 230 -3.24 -10.37 -18.41
C GLY A 230 -4.48 -9.83 -19.15
N PRO A 231 -5.50 -9.35 -18.39
CA PRO A 231 -6.76 -8.92 -19.01
C PRO A 231 -6.54 -7.75 -19.96
N LEU A 232 -5.74 -6.76 -19.55
CA LEU A 232 -5.44 -5.62 -20.42
C LEU A 232 -4.74 -6.09 -21.70
N LEU A 233 -3.67 -6.90 -21.56
CA LEU A 233 -2.90 -7.39 -22.70
C LEU A 233 -3.81 -8.12 -23.68
N ALA A 234 -4.73 -8.94 -23.15
CA ALA A 234 -5.59 -9.74 -24.03
C ALA A 234 -6.49 -8.82 -24.85
N LYS A 235 -7.06 -7.81 -24.19
CA LYS A 235 -7.95 -6.86 -24.87
C LYS A 235 -7.18 -6.11 -25.96
N LEU A 236 -5.97 -5.63 -25.62
CA LEU A 236 -5.18 -4.91 -26.62
C LEU A 236 -4.78 -5.82 -27.78
N GLU A 237 -4.36 -7.05 -27.50
CA GLU A 237 -4.04 -7.98 -28.58
C GLU A 237 -5.25 -8.21 -29.49
N ARG A 238 -6.45 -8.34 -28.90
CA ARG A 238 -7.65 -8.65 -29.68
C ARG A 238 -8.02 -7.49 -30.60
N HIS A 239 -7.62 -6.28 -30.22
CA HIS A 239 -8.02 -5.06 -30.94
C HIS A 239 -6.83 -4.29 -31.47
N GLN A 240 -5.69 -4.97 -31.67
CA GLN A 240 -4.44 -4.29 -31.96
C GLN A 240 -4.46 -3.51 -33.27
N ASP A 241 -5.36 -3.84 -34.21
CA ASP A 241 -5.41 -3.14 -35.49
C ASP A 241 -6.48 -2.04 -35.52
N ASP A 242 -7.15 -1.81 -34.37
CA ASP A 242 -8.24 -0.84 -34.24
C ASP A 242 -7.84 0.28 -33.27
N PRO A 243 -7.18 1.36 -33.75
CA PRO A 243 -6.70 2.44 -32.89
C PRO A 243 -7.77 3.10 -32.00
N LYS A 244 -9.01 3.19 -32.47
CA LYS A 244 -10.09 3.79 -31.69
C LYS A 244 -10.44 2.89 -30.50
N ALA A 245 -10.43 1.57 -30.75
CA ALA A 245 -10.72 0.56 -29.73
C ALA A 245 -9.59 0.59 -28.71
N VAL A 246 -8.34 0.65 -29.18
CA VAL A 246 -7.18 0.65 -28.27
C VAL A 246 -7.25 1.85 -27.32
N LEU A 247 -7.52 3.04 -27.84
CA LEU A 247 -7.65 4.22 -27.01
C LEU A 247 -8.71 4.02 -25.92
N GLU A 248 -9.90 3.54 -26.31
CA GLU A 248 -10.96 3.33 -25.32
C GLU A 248 -10.50 2.33 -24.26
N ILE A 249 -9.79 1.28 -24.68
CA ILE A 249 -9.31 0.26 -23.73
C ILE A 249 -8.36 0.91 -22.73
N GLY A 250 -7.44 1.72 -23.24
CA GLY A 250 -6.44 2.35 -22.39
C GLY A 250 -7.06 3.33 -21.44
N VAL A 251 -8.00 4.17 -21.93
CA VAL A 251 -8.69 5.10 -21.05
C VAL A 251 -9.48 4.35 -19.97
N GLU A 252 -10.25 3.34 -20.35
CA GLU A 252 -11.04 2.62 -19.36
C GLU A 252 -10.13 2.02 -18.29
N HIS A 253 -8.97 1.47 -18.71
CA HIS A 253 -8.07 0.83 -17.76
C HIS A 253 -7.52 1.86 -16.77
N ALA A 254 -7.10 3.01 -17.31
CA ALA A 254 -6.55 4.07 -16.47
C ALA A 254 -7.60 4.64 -15.52
N VAL A 255 -8.85 4.77 -15.98
CA VAL A 255 -9.92 5.24 -15.11
C VAL A 255 -10.05 4.32 -13.89
N ARG A 256 -10.08 3.00 -14.14
CA ARG A 256 -10.22 2.06 -13.02
C ARG A 256 -8.99 2.10 -12.12
N GLN A 257 -7.80 2.27 -12.70
CA GLN A 257 -6.60 2.37 -11.90
C GLN A 257 -6.69 3.57 -10.96
N VAL A 258 -7.01 4.73 -11.55
CA VAL A 258 -7.01 5.98 -10.80
C VAL A 258 -8.10 5.98 -9.73
N ALA A 259 -9.29 5.45 -10.02
CA ALA A 259 -10.34 5.36 -9.02
C ALA A 259 -9.85 4.60 -7.79
N GLU A 260 -9.07 3.51 -7.97
CA GLU A 260 -8.64 2.72 -6.81
C GLU A 260 -7.55 3.48 -6.07
N LEU A 261 -6.63 4.11 -6.81
CA LEU A 261 -5.55 4.87 -6.18
C LEU A 261 -6.14 5.96 -5.30
N LEU A 262 -7.10 6.72 -5.84
CA LEU A 262 -7.73 7.78 -5.07
C LEU A 262 -8.41 7.22 -3.82
N GLU A 263 -9.10 6.09 -3.94
CA GLU A 263 -9.76 5.50 -2.77
C GLU A 263 -8.74 5.07 -1.72
N ALA A 264 -7.51 4.74 -2.17
CA ALA A 264 -6.41 4.27 -1.35
C ALA A 264 -5.57 5.45 -0.83
N GLY A 265 -6.08 6.68 -1.03
CA GLY A 265 -5.53 7.86 -0.36
C GLY A 265 -4.23 8.41 -0.95
N VAL A 266 -3.96 8.19 -2.24
CA VAL A 266 -2.75 8.75 -2.82
C VAL A 266 -2.84 10.27 -2.74
N GLU A 267 -1.67 10.93 -2.64
CA GLU A 267 -1.61 12.38 -2.51
C GLU A 267 -1.84 13.11 -3.84
N GLY A 268 -1.82 12.35 -4.93
CA GLY A 268 -1.88 12.92 -6.26
C GLY A 268 -1.70 11.84 -7.32
N VAL A 269 -1.88 12.23 -8.59
CA VAL A 269 -1.59 11.38 -9.72
C VAL A 269 -0.87 12.28 -10.72
N HIS A 270 0.22 11.74 -11.22
CA HIS A 270 1.04 12.34 -12.28
C HIS A 270 0.72 11.65 -13.60
N PHE A 271 0.27 12.47 -14.59
CA PHE A 271 -0.19 11.92 -15.85
C PHE A 271 0.81 12.20 -16.95
N TYR A 272 1.40 11.14 -17.46
CA TYR A 272 2.24 11.18 -18.66
C TYR A 272 1.38 11.34 -19.90
N THR A 273 1.50 12.51 -20.55
CA THR A 273 0.55 12.98 -21.55
C THR A 273 1.27 13.21 -22.86
N LEU A 274 1.06 12.32 -23.84
CA LEU A 274 1.54 12.61 -25.19
C LEU A 274 0.93 13.93 -25.65
N ASN A 275 1.72 14.77 -26.34
CA ASN A 275 1.34 16.16 -26.60
C ASN A 275 -0.02 16.27 -27.29
N LYS A 276 -0.30 15.39 -28.27
CA LYS A 276 -1.51 15.52 -29.07
C LYS A 276 -2.63 14.59 -28.53
N SER A 277 -2.45 13.91 -27.40
CA SER A 277 -3.43 12.95 -26.92
C SER A 277 -4.31 13.56 -25.83
N PRO A 278 -5.64 13.37 -25.96
CA PRO A 278 -6.60 13.79 -24.96
C PRO A 278 -6.81 12.78 -23.83
N ALA A 279 -6.10 11.63 -23.89
CA ALA A 279 -6.44 10.49 -23.03
C ALA A 279 -6.40 10.86 -21.55
N THR A 280 -5.37 11.60 -21.10
CA THR A 280 -5.28 11.87 -19.67
C THR A 280 -6.40 12.82 -19.21
N ARG A 281 -6.78 13.79 -20.03
CA ARG A 281 -7.92 14.63 -19.68
C ARG A 281 -9.24 13.81 -19.71
N MET A 282 -9.40 12.86 -20.68
CA MET A 282 -10.54 11.96 -20.69
C MET A 282 -10.66 11.17 -19.39
N VAL A 283 -9.53 10.75 -18.81
CA VAL A 283 -9.57 9.98 -17.57
C VAL A 283 -10.15 10.86 -16.46
N LEU A 284 -9.63 12.08 -16.30
CA LEU A 284 -10.14 12.94 -15.23
C LEU A 284 -11.62 13.30 -15.45
N GLU A 285 -12.02 13.58 -16.69
CA GLU A 285 -13.42 13.88 -16.99
C GLU A 285 -14.35 12.73 -16.63
N ARG A 286 -13.97 11.48 -16.98
CA ARG A 286 -14.76 10.29 -16.68
C ARG A 286 -14.87 10.02 -15.18
N LEU A 287 -13.90 10.47 -14.38
CA LEU A 287 -13.95 10.33 -12.93
C LEU A 287 -14.65 11.52 -12.27
N GLY A 288 -15.14 12.48 -13.08
CA GLY A 288 -15.86 13.62 -12.55
C GLY A 288 -14.95 14.62 -11.85
N LEU A 289 -13.66 14.65 -12.25
CA LEU A 289 -12.66 15.45 -11.53
C LEU A 289 -12.28 16.70 -12.33
N ARG A 290 -12.94 16.97 -13.45
CA ARG A 290 -12.83 18.27 -14.10
C ARG A 290 -13.59 19.32 -13.27
N PRO A 291 -12.92 20.31 -12.62
CA PRO A 291 -13.61 21.32 -11.81
C PRO A 291 -14.66 22.11 -12.60
N MET B 1 8.57 -20.52 17.06
CA MET B 1 9.36 -19.34 16.72
C MET B 1 8.52 -18.08 16.93
N LYS B 2 9.23 -17.02 17.30
CA LYS B 2 8.66 -15.69 17.47
C LYS B 2 8.22 -15.18 16.10
N ILE B 3 7.05 -14.57 16.08
CA ILE B 3 6.53 -14.02 14.83
C ILE B 3 7.47 -12.92 14.29
N ARG B 4 8.09 -12.08 15.15
CA ARG B 4 9.04 -11.11 14.61
C ARG B 4 10.14 -11.79 13.80
N ASP B 5 10.63 -12.95 14.25
CA ASP B 5 11.68 -13.68 13.56
C ASP B 5 11.15 -14.33 12.26
N LEU B 6 9.93 -14.89 12.33
CA LEU B 6 9.36 -15.48 11.13
C LEU B 6 9.20 -14.41 10.02
N LEU B 7 8.76 -13.21 10.44
CA LEU B 7 8.57 -12.12 9.50
C LEU B 7 9.91 -11.68 8.90
N LYS B 8 10.97 -11.55 9.73
CA LYS B 8 12.27 -11.09 9.22
C LYS B 8 12.84 -12.09 8.19
N ALA B 9 12.61 -13.38 8.43
CA ALA B 9 13.25 -14.45 7.68
C ALA B 9 12.34 -14.99 6.60
N ARG B 10 11.16 -14.35 6.42
CA ARG B 10 10.15 -14.93 5.55
C ARG B 10 10.66 -15.02 4.11
N ARG B 11 10.19 -16.07 3.40
CA ARG B 11 10.46 -16.29 2.00
C ARG B 11 9.12 -16.46 1.29
N GLY B 12 8.43 -15.37 1.19
CA GLY B 12 7.04 -15.36 0.75
C GLY B 12 6.11 -15.02 1.91
N PRO B 13 4.81 -14.87 1.65
CA PRO B 13 3.87 -14.44 2.66
C PRO B 13 3.63 -15.48 3.74
N LEU B 14 3.46 -14.98 4.96
CA LEU B 14 3.04 -15.83 6.08
C LEU B 14 1.52 -16.01 6.04
N PHE B 15 1.03 -17.23 6.20
CA PHE B 15 -0.40 -17.47 6.30
C PHE B 15 -0.76 -17.88 7.72
N SER B 16 -1.73 -17.20 8.30
CA SER B 16 -2.18 -17.49 9.66
C SER B 16 -3.68 -17.66 9.69
N PHE B 17 -4.15 -18.30 10.76
CA PHE B 17 -5.53 -18.74 10.87
C PHE B 17 -6.00 -18.56 12.30
N GLU B 18 -7.15 -17.93 12.46
CA GLU B 18 -7.79 -17.68 13.73
C GLU B 18 -9.14 -18.37 13.71
N PHE B 19 -9.32 -19.29 14.68
CA PHE B 19 -10.56 -20.02 14.93
C PHE B 19 -11.27 -19.42 16.17
N PHE B 20 -12.31 -20.09 16.64
CA PHE B 20 -13.17 -19.57 17.69
C PHE B 20 -13.39 -20.65 18.73
N PRO B 21 -13.69 -20.25 19.98
CA PRO B 21 -13.95 -21.22 21.03
C PRO B 21 -15.00 -22.21 20.59
N PRO B 22 -14.72 -23.53 20.70
CA PRO B 22 -15.72 -24.53 20.40
C PRO B 22 -16.83 -24.50 21.44
N LYS B 23 -18.02 -24.99 21.05
CA LYS B 23 -19.20 -24.82 21.88
C LYS B 23 -19.48 -26.06 22.73
N ASP B 24 -18.90 -27.22 22.38
CA ASP B 24 -19.14 -28.45 23.12
C ASP B 24 -17.97 -29.40 22.84
N PRO B 25 -17.88 -30.53 23.60
CA PRO B 25 -16.73 -31.40 23.45
C PRO B 25 -16.52 -31.99 22.05
N GLU B 26 -17.60 -32.35 21.33
N GLU B 26 -17.62 -32.36 21.34
CA GLU B 26 -17.40 -32.89 19.99
CA GLU B 26 -17.54 -32.88 19.98
C GLU B 26 -16.88 -31.79 19.05
C GLU B 26 -16.93 -31.80 19.07
N GLY B 27 -17.39 -30.55 19.24
CA GLY B 27 -16.91 -29.41 18.44
C GLY B 27 -15.43 -29.12 18.70
N GLU B 28 -15.02 -29.33 19.96
CA GLU B 28 -13.64 -29.13 20.35
C GLU B 28 -12.77 -30.17 19.67
N GLU B 29 -13.17 -31.46 19.73
CA GLU B 29 -12.34 -32.45 19.07
C GLU B 29 -12.32 -32.19 17.54
N ALA B 30 -13.45 -31.83 16.95
CA ALA B 30 -13.52 -31.51 15.52
C ALA B 30 -12.57 -30.37 15.14
N LEU B 31 -12.53 -29.30 15.98
CA LEU B 31 -11.62 -28.19 15.73
C LEU B 31 -10.17 -28.67 15.72
N PHE B 32 -9.77 -29.48 16.72
CA PHE B 32 -8.40 -29.95 16.75
C PHE B 32 -8.10 -30.92 15.61
N ARG B 33 -9.11 -31.67 15.13
CA ARG B 33 -8.89 -32.45 13.92
C ARG B 33 -8.67 -31.50 12.71
N THR B 34 -9.39 -30.38 12.63
CA THR B 34 -9.16 -29.41 11.57
C THR B 34 -7.73 -28.82 11.65
N LEU B 35 -7.28 -28.50 12.87
CA LEU B 35 -5.93 -27.98 13.04
C LEU B 35 -4.90 -29.03 12.65
N GLU B 36 -5.11 -30.30 13.02
CA GLU B 36 -4.18 -31.34 12.62
C GLU B 36 -4.05 -31.39 11.10
N GLU B 37 -5.18 -31.31 10.37
CA GLU B 37 -5.17 -31.33 8.91
C GLU B 37 -4.47 -30.10 8.33
N LEU B 38 -4.52 -28.98 9.05
CA LEU B 38 -3.93 -27.73 8.61
C LEU B 38 -2.40 -27.78 8.65
N LYS B 39 -1.80 -28.68 9.46
CA LYS B 39 -0.35 -28.80 9.57
C LYS B 39 0.33 -28.91 8.19
N ALA B 40 -0.28 -29.67 7.26
CA ALA B 40 0.31 -29.92 5.95
C ALA B 40 0.49 -28.61 5.16
N PHE B 41 -0.35 -27.61 5.47
CA PHE B 41 -0.28 -26.29 4.83
C PHE B 41 0.85 -25.42 5.38
N ARG B 42 1.42 -25.80 6.52
CA ARG B 42 2.54 -25.05 7.12
C ARG B 42 2.11 -23.62 7.41
N PRO B 43 1.03 -23.41 8.19
CA PRO B 43 0.68 -22.06 8.60
C PRO B 43 1.81 -21.48 9.46
N ALA B 44 2.05 -20.18 9.35
CA ALA B 44 3.04 -19.52 10.20
C ALA B 44 2.64 -19.54 11.68
N PHE B 45 1.35 -19.36 11.95
CA PHE B 45 0.83 -19.38 13.30
C PHE B 45 -0.69 -19.56 13.23
N VAL B 46 -1.23 -20.07 14.34
CA VAL B 46 -2.64 -20.33 14.45
CA VAL B 46 -2.64 -20.39 14.47
C VAL B 46 -3.09 -19.89 15.84
N SER B 47 -4.37 -19.52 15.95
CA SER B 47 -4.91 -19.04 17.19
C SER B 47 -6.37 -19.41 17.32
N ILE B 48 -6.79 -19.40 18.59
CA ILE B 48 -8.22 -19.40 18.93
C ILE B 48 -8.56 -18.12 19.67
N THR B 49 -9.63 -17.47 19.21
CA THR B 49 -10.13 -16.24 19.78
C THR B 49 -10.34 -16.40 21.28
N TYR B 50 -9.91 -15.41 22.07
CA TYR B 50 -10.02 -15.39 23.51
C TYR B 50 -11.39 -14.87 23.90
N GLY B 51 -12.08 -15.63 24.74
CA GLY B 51 -13.47 -15.33 24.99
C GLY B 51 -13.63 -14.00 25.72
N ALA B 52 -14.77 -13.38 25.41
CA ALA B 52 -15.20 -12.15 26.03
C ALA B 52 -15.12 -12.30 27.56
N MET B 53 -14.41 -11.27 28.12
CA MET B 53 -14.45 -10.88 29.52
C MET B 53 -13.72 -11.93 30.37
N GLY B 54 -12.84 -12.72 29.76
CA GLY B 54 -12.08 -13.75 30.48
C GLY B 54 -12.80 -15.10 30.57
N SER B 55 -13.90 -15.26 29.84
CA SER B 55 -14.74 -16.46 29.93
C SER B 55 -13.98 -17.74 29.51
N THR B 56 -12.86 -17.65 28.81
CA THR B 56 -12.09 -18.82 28.39
C THR B 56 -10.68 -18.79 29.01
N ARG B 57 -10.48 -18.03 30.11
CA ARG B 57 -9.13 -17.75 30.54
C ARG B 57 -8.35 -19.06 30.84
N GLU B 58 -8.96 -20.10 31.40
CA GLU B 58 -8.23 -21.35 31.62
C GLU B 58 -8.19 -22.21 30.34
N ARG B 59 -9.36 -22.35 29.67
CA ARG B 59 -9.38 -23.11 28.44
C ARG B 59 -8.40 -22.56 27.41
N SER B 60 -8.20 -21.22 27.32
CA SER B 60 -7.36 -20.64 26.28
C SER B 60 -5.90 -21.04 26.47
N VAL B 61 -5.48 -21.14 27.75
CA VAL B 61 -4.12 -21.56 28.01
C VAL B 61 -3.95 -23.03 27.59
N ALA B 62 -4.92 -23.90 27.94
CA ALA B 62 -4.88 -25.29 27.53
C ALA B 62 -4.93 -25.49 26.01
N TRP B 63 -5.72 -24.63 25.34
CA TRP B 63 -5.75 -24.69 23.90
C TRP B 63 -4.43 -24.27 23.25
N ALA B 64 -3.76 -23.25 23.80
CA ALA B 64 -2.46 -22.88 23.26
C ALA B 64 -1.46 -24.04 23.44
N GLN B 65 -1.55 -24.74 24.58
CA GLN B 65 -0.71 -25.92 24.81
C GLN B 65 -1.06 -27.03 23.82
N ARG B 66 -2.35 -27.23 23.50
CA ARG B 66 -2.73 -28.30 22.60
C ARG B 66 -2.27 -27.99 21.17
N ILE B 67 -2.34 -26.69 20.76
CA ILE B 67 -1.82 -26.26 19.48
C ILE B 67 -0.33 -26.57 19.41
N GLN B 68 0.45 -26.22 20.46
CA GLN B 68 1.88 -26.52 20.44
C GLN B 68 2.14 -28.02 20.28
N SER B 69 1.36 -28.85 20.98
CA SER B 69 1.60 -30.28 20.99
C SER B 69 1.33 -30.91 19.63
N LEU B 70 0.54 -30.21 18.78
CA LEU B 70 0.34 -30.63 17.39
C LEU B 70 1.49 -30.20 16.48
N GLY B 71 2.47 -29.46 17.01
CA GLY B 71 3.58 -28.98 16.20
C GLY B 71 3.26 -27.68 15.46
N LEU B 72 2.18 -27.02 15.87
CA LEU B 72 1.78 -25.74 15.30
C LEU B 72 2.27 -24.63 16.23
N ASN B 73 2.39 -23.42 15.67
CA ASN B 73 2.92 -22.29 16.40
C ASN B 73 1.76 -21.42 16.93
N PRO B 74 1.40 -21.44 18.23
CA PRO B 74 0.26 -20.67 18.69
C PRO B 74 0.55 -19.18 18.78
N LEU B 75 -0.46 -18.40 18.42
CA LEU B 75 -0.56 -17.00 18.81
C LEU B 75 -1.61 -16.90 19.92
N ALA B 76 -1.22 -16.46 21.10
CA ALA B 76 -2.13 -16.37 22.22
C ALA B 76 -2.81 -15.01 22.27
N HIS B 77 -4.10 -14.99 22.00
CA HIS B 77 -4.88 -13.76 22.18
C HIS B 77 -5.15 -13.57 23.66
N LEU B 78 -5.01 -12.33 24.14
CA LEU B 78 -5.26 -11.98 25.53
C LEU B 78 -5.89 -10.60 25.60
N THR B 79 -7.04 -10.54 26.22
CA THR B 79 -7.77 -9.30 26.43
C THR B 79 -7.71 -8.78 27.86
N VAL B 80 -8.16 -7.52 28.07
CA VAL B 80 -8.13 -6.90 29.38
C VAL B 80 -9.52 -6.67 29.95
N ALA B 81 -10.56 -6.73 29.09
CA ALA B 81 -11.92 -6.47 29.52
C ALA B 81 -12.33 -7.39 30.66
N GLY B 82 -13.06 -6.82 31.60
CA GLY B 82 -13.78 -7.59 32.61
C GLY B 82 -12.89 -8.32 33.61
N GLN B 83 -11.59 -7.95 33.64
CA GLN B 83 -10.60 -8.63 34.46
C GLN B 83 -9.70 -7.61 35.15
N SER B 84 -9.20 -7.95 36.34
CA SER B 84 -8.27 -7.07 37.03
C SER B 84 -6.93 -7.14 36.30
N ARG B 85 -6.10 -6.14 36.56
CA ARG B 85 -4.72 -6.21 36.11
C ARG B 85 -4.02 -7.47 36.62
N LYS B 86 -4.23 -7.83 37.89
CA LYS B 86 -3.57 -9.01 38.43
C LYS B 86 -4.04 -10.28 37.70
N GLU B 87 -5.36 -10.40 37.42
CA GLU B 87 -5.88 -11.55 36.69
C GLU B 87 -5.26 -11.65 35.29
N VAL B 88 -5.19 -10.53 34.56
CA VAL B 88 -4.60 -10.53 33.23
C VAL B 88 -3.14 -10.98 33.31
N ALA B 89 -2.41 -10.42 34.29
CA ALA B 89 -1.00 -10.76 34.44
C ALA B 89 -0.82 -12.25 34.74
N GLU B 90 -1.78 -12.84 35.48
CA GLU B 90 -1.72 -14.28 35.78
C GLU B 90 -1.92 -15.14 34.52
N VAL B 91 -2.89 -14.79 33.66
CA VAL B 91 -3.10 -15.55 32.44
C VAL B 91 -1.90 -15.40 31.52
N LEU B 92 -1.40 -14.14 31.42
CA LEU B 92 -0.20 -13.90 30.64
C LEU B 92 0.94 -14.81 31.09
N HIS B 93 1.16 -14.88 32.41
CA HIS B 93 2.24 -15.71 32.93
C HIS B 93 2.03 -17.19 32.58
N ARG B 94 0.77 -17.65 32.64
CA ARG B 94 0.48 -19.05 32.28
C ARG B 94 0.82 -19.34 30.82
N PHE B 95 0.50 -18.37 29.90
CA PHE B 95 0.88 -18.54 28.52
C PHE B 95 2.39 -18.62 28.41
N VAL B 96 3.12 -17.67 29.00
CA VAL B 96 4.57 -17.65 28.83
C VAL B 96 5.20 -18.93 29.38
N GLU B 97 4.71 -19.41 30.54
CA GLU B 97 5.28 -20.62 31.14
C GLU B 97 4.92 -21.88 30.36
N SER B 98 3.90 -21.79 29.50
CA SER B 98 3.54 -22.88 28.61
C SER B 98 4.46 -22.97 27.37
N GLY B 99 5.34 -21.97 27.19
CA GLY B 99 6.22 -21.92 26.05
C GLY B 99 5.62 -21.15 24.87
N VAL B 100 4.50 -20.48 25.09
CA VAL B 100 4.00 -19.57 24.09
C VAL B 100 4.97 -18.38 23.96
N GLU B 101 5.34 -18.09 22.72
CA GLU B 101 6.29 -17.04 22.42
C GLU B 101 5.61 -15.83 21.78
N ASN B 102 4.34 -15.95 21.43
CA ASN B 102 3.62 -14.99 20.60
C ASN B 102 2.31 -14.59 21.29
N LEU B 103 2.12 -13.29 21.57
CA LEU B 103 0.94 -12.76 22.24
C LEU B 103 0.29 -11.70 21.36
N LEU B 104 -1.03 -11.74 21.28
CA LEU B 104 -1.80 -10.67 20.65
C LEU B 104 -2.51 -9.91 21.76
N ALA B 105 -2.01 -8.70 22.07
CA ALA B 105 -2.51 -7.89 23.16
C ALA B 105 -3.70 -7.08 22.70
N LEU B 106 -4.84 -7.32 23.31
CA LEU B 106 -6.12 -6.76 22.91
C LEU B 106 -6.86 -6.13 24.07
N ARG B 107 -7.80 -5.23 23.78
CA ARG B 107 -8.67 -4.75 24.83
C ARG B 107 -9.82 -5.72 25.12
N GLY B 108 -10.53 -6.17 24.06
CA GLY B 108 -11.85 -6.76 24.22
C GLY B 108 -12.96 -5.78 23.90
N ASP B 109 -14.10 -6.29 23.41
CA ASP B 109 -15.29 -5.47 23.24
C ASP B 109 -16.02 -5.32 24.57
N PRO B 110 -16.97 -4.37 24.69
CA PRO B 110 -17.94 -4.36 25.81
C PRO B 110 -18.72 -5.67 25.74
N PRO B 111 -19.30 -6.17 26.86
CA PRO B 111 -20.04 -7.43 26.89
C PRO B 111 -21.22 -7.48 25.93
N ARG B 112 -21.62 -8.73 25.56
CA ARG B 112 -22.68 -8.97 24.59
C ARG B 112 -23.85 -8.06 24.94
N GLY B 113 -24.29 -7.28 23.94
CA GLY B 113 -25.46 -6.45 24.04
C GLY B 113 -25.21 -5.11 24.73
N GLU B 114 -23.93 -4.74 24.89
CA GLU B 114 -23.60 -3.41 25.42
C GLU B 114 -22.72 -2.65 24.44
N ARG B 115 -22.91 -1.32 24.40
CA ARG B 115 -22.32 -0.49 23.36
C ARG B 115 -21.17 0.37 23.88
N VAL B 116 -20.92 0.41 25.20
CA VAL B 116 -19.93 1.32 25.76
C VAL B 116 -18.90 0.49 26.51
N PHE B 117 -17.60 0.71 26.24
CA PHE B 117 -16.55 0.03 26.99
C PHE B 117 -16.31 0.71 28.33
N ARG B 118 -16.32 -0.06 29.41
CA ARG B 118 -15.99 0.45 30.75
C ARG B 118 -14.93 -0.49 31.32
N PRO B 119 -13.74 0.00 31.71
CA PRO B 119 -12.73 -0.91 32.21
C PRO B 119 -13.18 -1.50 33.55
N HIS B 120 -12.72 -2.71 33.83
CA HIS B 120 -12.82 -3.26 35.18
C HIS B 120 -12.21 -2.24 36.15
N PRO B 121 -12.80 -2.00 37.33
CA PRO B 121 -12.30 -0.94 38.22
C PRO B 121 -10.85 -1.11 38.64
N GLU B 122 -10.35 -2.35 38.65
CA GLU B 122 -8.92 -2.59 38.91
C GLU B 122 -8.21 -3.19 37.69
N GLY B 123 -8.75 -2.94 36.48
CA GLY B 123 -8.20 -3.44 35.24
C GLY B 123 -7.67 -2.34 34.31
N PHE B 124 -7.13 -2.84 33.21
CA PHE B 124 -6.58 -2.02 32.15
C PHE B 124 -7.70 -1.42 31.31
N ARG B 125 -7.40 -0.29 30.67
CA ARG B 125 -8.37 0.39 29.83
C ARG B 125 -8.05 0.26 28.34
N TYR B 126 -6.76 0.15 28.02
CA TYR B 126 -6.29 0.12 26.65
C TYR B 126 -5.32 -1.03 26.40
N ALA B 127 -5.38 -1.61 25.22
CA ALA B 127 -4.46 -2.70 24.82
C ALA B 127 -3.00 -2.29 24.99
N ALA B 128 -2.70 -1.01 24.76
CA ALA B 128 -1.32 -0.53 24.90
C ALA B 128 -0.78 -0.73 26.33
N GLU B 129 -1.67 -0.71 27.33
CA GLU B 129 -1.21 -0.89 28.71
C GLU B 129 -0.80 -2.34 28.94
N LEU B 130 -1.49 -3.27 28.29
CA LEU B 130 -1.03 -4.65 28.30
C LEU B 130 0.27 -4.84 27.53
N VAL B 131 0.42 -4.20 26.37
CA VAL B 131 1.67 -4.28 25.62
C VAL B 131 2.82 -3.85 26.53
N ALA B 132 2.60 -2.75 27.24
CA ALA B 132 3.62 -2.20 28.12
C ALA B 132 3.97 -3.18 29.26
N LEU B 133 2.94 -3.83 29.82
CA LEU B 133 3.16 -4.81 30.87
C LEU B 133 4.02 -5.92 30.31
N ILE B 134 3.67 -6.46 29.16
CA ILE B 134 4.39 -7.58 28.59
C ILE B 134 5.85 -7.18 28.41
N ARG B 135 6.11 -6.01 27.80
CA ARG B 135 7.50 -5.60 27.59
C ARG B 135 8.25 -5.44 28.90
N GLU B 136 7.61 -4.87 29.93
CA GLU B 136 8.29 -4.62 31.21
C GLU B 136 8.63 -5.94 31.91
N ARG B 137 7.72 -6.92 31.82
CA ARG B 137 7.80 -8.15 32.60
C ARG B 137 8.55 -9.27 31.88
N TYR B 138 8.53 -9.31 30.52
CA TYR B 138 9.10 -10.40 29.72
C TYR B 138 10.11 -9.93 28.66
N GLY B 139 10.04 -8.64 28.26
CA GLY B 139 10.96 -8.15 27.26
C GLY B 139 10.87 -8.98 25.97
N ASP B 140 12.02 -9.32 25.41
CA ASP B 140 12.16 -10.04 24.14
C ASP B 140 11.87 -11.54 24.29
N ARG B 141 11.45 -12.02 25.47
CA ARG B 141 11.07 -13.43 25.58
C ARG B 141 9.84 -13.75 24.73
N VAL B 142 9.06 -12.73 24.39
CA VAL B 142 7.87 -12.92 23.58
C VAL B 142 7.88 -11.90 22.47
N SER B 143 7.12 -12.24 21.44
CA SER B 143 6.83 -11.29 20.37
C SER B 143 5.35 -10.88 20.52
N VAL B 144 5.07 -9.58 20.47
CA VAL B 144 3.76 -9.02 20.76
C VAL B 144 3.18 -8.36 19.53
N GLY B 145 1.95 -8.77 19.20
CA GLY B 145 1.17 -8.07 18.19
C GLY B 145 -0.02 -7.36 18.81
N GLY B 146 -0.62 -6.50 18.01
CA GLY B 146 -1.82 -5.79 18.36
C GLY B 146 -2.76 -5.69 17.15
N ALA B 147 -4.02 -5.34 17.45
CA ALA B 147 -5.00 -5.07 16.39
C ALA B 147 -4.81 -3.67 15.77
N ALA B 148 -5.01 -3.60 14.45
CA ALA B 148 -5.04 -2.34 13.70
C ALA B 148 -6.35 -2.24 12.94
N TYR B 149 -6.81 -1.00 12.68
CA TYR B 149 -8.15 -0.76 12.14
C TYR B 149 -8.07 0.18 10.94
N PRO B 150 -7.93 -0.40 9.73
CA PRO B 150 -7.83 0.43 8.53
C PRO B 150 -8.98 1.43 8.38
N GLU B 151 -10.17 1.05 8.86
CA GLU B 151 -11.34 1.92 8.77
C GLU B 151 -11.69 2.57 10.11
N GLY B 152 -10.79 2.39 11.11
CA GLY B 152 -10.96 3.01 12.41
C GLY B 152 -11.82 2.18 13.37
N HIS B 153 -11.47 2.19 14.65
CA HIS B 153 -12.40 1.65 15.62
C HIS B 153 -13.71 2.44 15.55
N PRO B 154 -14.89 1.77 15.58
CA PRO B 154 -16.15 2.54 15.59
C PRO B 154 -16.23 3.63 16.65
N GLU B 155 -15.65 3.40 17.83
CA GLU B 155 -15.77 4.35 18.92
C GLU B 155 -14.76 5.49 18.82
N SER B 156 -13.77 5.43 17.90
CA SER B 156 -12.82 6.53 17.77
C SER B 156 -13.50 7.78 17.20
N GLU B 157 -13.01 8.96 17.58
CA GLU B 157 -13.58 10.25 17.15
C GLU B 157 -13.36 10.49 15.65
N SER B 158 -12.23 10.02 15.12
CA SER B 158 -11.80 10.31 13.77
C SER B 158 -10.73 9.31 13.37
N LEU B 159 -10.45 9.15 12.06
CA LEU B 159 -9.33 8.33 11.63
C LEU B 159 -7.99 8.89 12.11
N GLU B 160 -7.83 10.21 12.17
CA GLU B 160 -6.59 10.80 12.64
C GLU B 160 -6.31 10.41 14.09
N ALA B 161 -7.33 10.53 14.96
CA ALA B 161 -7.20 10.13 16.36
C ALA B 161 -6.90 8.63 16.43
N ASP B 162 -7.56 7.85 15.57
CA ASP B 162 -7.38 6.39 15.63
C ASP B 162 -5.92 6.05 15.33
N LEU B 163 -5.35 6.68 14.31
CA LEU B 163 -3.98 6.41 13.89
C LEU B 163 -3.04 6.85 15.01
N ARG B 164 -3.26 8.03 15.59
CA ARG B 164 -2.37 8.46 16.69
C ARG B 164 -2.35 7.42 17.83
N HIS B 165 -3.50 6.83 18.14
CA HIS B 165 -3.57 5.86 19.23
C HIS B 165 -2.93 4.54 18.80
N PHE B 166 -3.06 4.18 17.52
CA PHE B 166 -2.37 3.01 16.96
C PHE B 166 -0.84 3.21 17.11
N LYS B 167 -0.35 4.41 16.75
CA LYS B 167 1.07 4.70 16.88
C LYS B 167 1.53 4.54 18.34
N ALA B 168 0.73 5.03 19.28
CA ALA B 168 1.09 4.93 20.71
C ALA B 168 1.17 3.45 21.13
N LYS B 169 0.24 2.65 20.60
CA LYS B 169 0.28 1.20 20.88
C LYS B 169 1.53 0.55 20.30
N VAL B 170 1.88 0.87 19.05
CA VAL B 170 3.10 0.38 18.45
C VAL B 170 4.30 0.76 19.34
N GLU B 171 4.34 2.02 19.74
CA GLU B 171 5.48 2.53 20.51
C GLU B 171 5.60 1.85 21.88
N ALA B 172 4.48 1.34 22.42
CA ALA B 172 4.50 0.64 23.71
C ALA B 172 5.26 -0.68 23.58
N GLY B 173 5.44 -1.20 22.36
CA GLY B 173 6.22 -2.41 22.11
C GLY B 173 5.64 -3.47 21.20
N LEU B 174 4.97 -3.10 20.11
CA LEU B 174 4.53 -4.08 19.14
C LEU B 174 5.63 -4.46 18.17
N ASP B 175 5.69 -5.76 17.84
CA ASP B 175 6.52 -6.25 16.77
C ASP B 175 5.77 -6.29 15.44
N PHE B 176 4.44 -6.41 15.50
CA PHE B 176 3.60 -6.55 14.32
C PHE B 176 2.18 -6.15 14.70
N ALA B 177 1.33 -6.03 13.66
CA ALA B 177 -0.11 -5.85 13.89
C ALA B 177 -0.85 -6.71 12.88
N ILE B 178 -2.09 -7.04 13.23
CA ILE B 178 -3.02 -7.74 12.34
C ILE B 178 -4.27 -6.87 12.25
N THR B 179 -4.75 -6.67 11.02
CA THR B 179 -5.90 -5.79 10.89
C THR B 179 -7.22 -6.48 11.22
N GLN B 180 -8.15 -5.63 11.58
CA GLN B 180 -9.58 -5.89 11.51
C GLN B 180 -9.91 -6.37 10.11
N LEU B 181 -10.93 -7.20 10.01
CA LEU B 181 -11.38 -7.66 8.71
C LEU B 181 -11.83 -6.45 7.87
N PHE B 182 -11.60 -6.58 6.56
CA PHE B 182 -12.06 -5.55 5.63
C PHE B 182 -12.47 -6.22 4.33
N PHE B 183 -13.30 -5.49 3.58
CA PHE B 183 -13.82 -5.98 2.31
C PHE B 183 -13.40 -5.12 1.12
N ASN B 184 -12.88 -3.93 1.40
CA ASN B 184 -12.44 -3.00 0.37
C ASN B 184 -10.92 -2.83 0.51
N ASN B 185 -10.16 -3.45 -0.37
CA ASN B 185 -8.71 -3.42 -0.27
C ASN B 185 -8.16 -2.00 -0.27
N ALA B 186 -8.83 -1.07 -0.98
CA ALA B 186 -8.30 0.29 -1.00
C ALA B 186 -8.22 0.89 0.40
N HIS B 187 -9.08 0.48 1.33
CA HIS B 187 -9.06 1.03 2.67
C HIS B 187 -7.87 0.47 3.45
N TYR B 188 -7.47 -0.76 3.14
CA TYR B 188 -6.28 -1.35 3.75
C TYR B 188 -5.07 -0.60 3.21
N PHE B 189 -4.96 -0.50 1.88
CA PHE B 189 -3.82 0.23 1.29
C PHE B 189 -3.75 1.67 1.79
N GLY B 190 -4.88 2.34 1.93
CA GLY B 190 -4.90 3.70 2.42
C GLY B 190 -4.41 3.82 3.85
N PHE B 191 -4.78 2.84 4.66
CA PHE B 191 -4.31 2.79 6.04
C PHE B 191 -2.80 2.64 6.07
N LEU B 192 -2.25 1.75 5.23
CA LEU B 192 -0.79 1.58 5.17
C LEU B 192 -0.12 2.90 4.78
N GLU B 193 -0.73 3.65 3.83
CA GLU B 193 -0.12 4.93 3.47
C GLU B 193 -0.17 5.92 4.63
N ARG B 194 -1.28 6.00 5.38
CA ARG B 194 -1.38 6.88 6.55
C ARG B 194 -0.30 6.45 7.55
N ALA B 195 -0.14 5.13 7.72
CA ALA B 195 0.84 4.63 8.67
C ALA B 195 2.26 5.01 8.23
N ARG B 196 2.53 4.88 6.92
CA ARG B 196 3.82 5.26 6.38
C ARG B 196 4.13 6.74 6.61
N ARG B 197 3.17 7.62 6.38
CA ARG B 197 3.42 9.05 6.56
C ARG B 197 3.60 9.37 8.04
N ALA B 198 3.05 8.54 8.96
CA ALA B 198 3.20 8.72 10.41
C ALA B 198 4.45 8.01 10.96
N GLY B 199 5.26 7.45 10.07
CA GLY B 199 6.53 6.82 10.46
C GLY B 199 6.39 5.44 11.12
N ILE B 200 5.34 4.71 10.82
CA ILE B 200 5.13 3.37 11.37
C ILE B 200 5.63 2.36 10.34
N GLY B 201 6.67 1.59 10.72
CA GLY B 201 7.30 0.67 9.82
C GLY B 201 7.07 -0.82 10.15
N ILE B 202 6.37 -1.13 11.25
CA ILE B 202 6.24 -2.53 11.64
C ILE B 202 5.38 -3.27 10.62
N PRO B 203 5.59 -4.60 10.48
CA PRO B 203 4.68 -5.40 9.64
C PRO B 203 3.23 -5.29 10.09
N ILE B 204 2.34 -5.16 9.09
CA ILE B 204 0.91 -5.03 9.34
C ILE B 204 0.20 -6.00 8.42
N LEU B 205 -0.34 -7.06 9.03
CA LEU B 205 -0.89 -8.20 8.29
C LEU B 205 -2.39 -7.99 8.08
N PRO B 206 -2.89 -8.06 6.80
CA PRO B 206 -4.33 -7.92 6.56
C PRO B 206 -5.06 -9.14 7.12
N GLY B 207 -6.16 -8.83 7.80
CA GLY B 207 -7.12 -9.83 8.27
C GLY B 207 -8.32 -9.92 7.30
N ILE B 208 -8.63 -11.16 6.90
CA ILE B 208 -9.67 -11.45 5.92
C ILE B 208 -10.67 -12.42 6.53
N MET B 209 -11.96 -12.06 6.45
CA MET B 209 -13.02 -12.98 6.80
C MET B 209 -14.02 -13.00 5.63
N PRO B 210 -14.15 -14.13 4.93
CA PRO B 210 -15.11 -14.22 3.83
C PRO B 210 -16.51 -14.10 4.41
N VAL B 211 -17.41 -13.44 3.67
CA VAL B 211 -18.81 -13.38 4.08
C VAL B 211 -19.40 -14.77 3.88
N THR B 212 -19.97 -15.36 4.95
CA THR B 212 -20.62 -16.66 4.85
C THR B 212 -22.13 -16.59 5.08
N SER B 213 -22.64 -15.54 5.73
CA SER B 213 -24.08 -15.39 5.87
C SER B 213 -24.46 -13.91 5.88
N TYR B 214 -25.64 -13.61 5.34
CA TYR B 214 -26.18 -12.26 5.34
C TYR B 214 -26.29 -11.70 6.76
N ARG B 215 -26.67 -12.53 7.75
CA ARG B 215 -26.81 -12.11 9.14
C ARG B 215 -25.52 -11.52 9.71
N GLN B 216 -24.36 -11.92 9.19
CA GLN B 216 -23.07 -11.42 9.68
C GLN B 216 -22.89 -9.93 9.44
N LEU B 217 -23.59 -9.35 8.45
CA LEU B 217 -23.26 -7.98 8.06
C LEU B 217 -23.48 -6.98 9.21
N ARG B 218 -24.49 -7.19 10.06
CA ARG B 218 -24.73 -6.35 11.23
C ARG B 218 -23.45 -6.29 12.09
N ARG B 219 -22.90 -7.45 12.46
CA ARG B 219 -21.69 -7.51 13.29
CA ARG B 219 -21.70 -7.51 13.28
C ARG B 219 -20.54 -6.84 12.52
N PHE B 220 -20.40 -7.20 11.25
CA PHE B 220 -19.27 -6.65 10.50
C PHE B 220 -19.27 -5.11 10.49
N THR B 221 -20.43 -4.51 10.27
CA THR B 221 -20.51 -3.06 10.16
C THR B 221 -20.54 -2.39 11.53
N GLU B 222 -21.38 -2.87 12.46
CA GLU B 222 -21.65 -2.14 13.68
C GLU B 222 -20.58 -2.43 14.73
N VAL B 223 -20.09 -3.68 14.80
CA VAL B 223 -19.13 -4.04 15.85
C VAL B 223 -17.69 -3.92 15.30
N CYS B 224 -17.44 -4.54 14.15
CA CYS B 224 -16.10 -4.54 13.57
C CYS B 224 -15.78 -3.20 12.88
N GLY B 225 -16.80 -2.47 12.42
CA GLY B 225 -16.57 -1.16 11.81
C GLY B 225 -16.18 -1.23 10.34
N ALA B 226 -16.40 -2.38 9.70
CA ALA B 226 -15.98 -2.57 8.32
C ALA B 226 -17.08 -2.06 7.39
N SER B 227 -16.67 -1.48 6.26
CA SER B 227 -17.63 -1.06 5.25
C SER B 227 -17.81 -2.21 4.26
N ILE B 228 -19.01 -2.30 3.69
CA ILE B 228 -19.33 -3.29 2.66
C ILE B 228 -19.47 -2.55 1.36
N PRO B 229 -18.53 -2.78 0.41
CA PRO B 229 -18.58 -2.11 -0.89
C PRO B 229 -19.93 -2.34 -1.55
N GLY B 230 -20.35 -1.35 -2.36
CA GLY B 230 -21.71 -1.32 -2.87
C GLY B 230 -22.08 -2.61 -3.63
N PRO B 231 -21.23 -3.04 -4.61
CA PRO B 231 -21.52 -4.20 -5.46
C PRO B 231 -21.67 -5.48 -4.65
N LEU B 232 -20.80 -5.64 -3.64
CA LEU B 232 -20.92 -6.79 -2.76
C LEU B 232 -22.22 -6.73 -1.99
N LEU B 233 -22.52 -5.55 -1.44
CA LEU B 233 -23.71 -5.40 -0.61
C LEU B 233 -24.97 -5.68 -1.45
N ALA B 234 -24.95 -5.27 -2.73
CA ALA B 234 -26.06 -5.50 -3.64
C ALA B 234 -26.33 -6.99 -3.82
N LYS B 235 -25.27 -7.74 -4.12
CA LYS B 235 -25.38 -9.17 -4.35
C LYS B 235 -25.92 -9.87 -3.10
N LEU B 236 -25.43 -9.45 -1.93
CA LEU B 236 -25.84 -10.13 -0.72
C LEU B 236 -27.31 -9.87 -0.44
N GLU B 237 -27.73 -8.61 -0.58
CA GLU B 237 -29.11 -8.18 -0.34
C GLU B 237 -30.09 -9.02 -1.15
N ARG B 238 -29.66 -9.43 -2.34
CA ARG B 238 -30.51 -10.12 -3.31
C ARG B 238 -30.57 -11.61 -3.00
N HIS B 239 -29.52 -12.16 -2.37
CA HIS B 239 -29.38 -13.60 -2.15
C HIS B 239 -29.47 -14.03 -0.68
N GLN B 240 -30.00 -13.11 0.19
CA GLN B 240 -30.03 -13.30 1.67
C GLN B 240 -30.55 -14.71 2.01
N ASP B 241 -31.58 -15.16 1.27
CA ASP B 241 -32.29 -16.38 1.65
C ASP B 241 -31.74 -17.59 0.88
N ASP B 242 -30.66 -17.38 0.13
CA ASP B 242 -29.99 -18.45 -0.59
C ASP B 242 -28.60 -18.63 0.03
N PRO B 243 -28.44 -19.33 1.18
CA PRO B 243 -27.12 -19.44 1.81
C PRO B 243 -26.00 -19.98 0.92
N LYS B 244 -26.34 -20.89 0.01
CA LYS B 244 -25.32 -21.47 -0.85
C LYS B 244 -24.71 -20.39 -1.74
N ALA B 245 -25.61 -19.50 -2.20
CA ALA B 245 -25.24 -18.40 -3.06
C ALA B 245 -24.46 -17.36 -2.26
N VAL B 246 -24.88 -17.09 -1.03
CA VAL B 246 -24.13 -16.16 -0.16
C VAL B 246 -22.72 -16.66 0.06
N LEU B 247 -22.53 -17.96 0.30
CA LEU B 247 -21.20 -18.51 0.52
C LEU B 247 -20.33 -18.28 -0.72
N GLU B 248 -20.90 -18.52 -1.90
CA GLU B 248 -20.20 -18.36 -3.16
C GLU B 248 -19.79 -16.89 -3.37
N ILE B 249 -20.72 -15.94 -3.10
CA ILE B 249 -20.45 -14.52 -3.18
C ILE B 249 -19.28 -14.16 -2.26
N GLY B 250 -19.36 -14.57 -1.00
CA GLY B 250 -18.30 -14.26 -0.03
C GLY B 250 -16.96 -14.86 -0.42
N VAL B 251 -16.97 -16.10 -0.85
CA VAL B 251 -15.74 -16.77 -1.24
C VAL B 251 -15.10 -16.06 -2.43
N GLU B 252 -15.88 -15.79 -3.47
CA GLU B 252 -15.33 -15.13 -4.64
C GLU B 252 -14.78 -13.74 -4.27
N HIS B 253 -15.51 -13.00 -3.42
CA HIS B 253 -15.04 -11.67 -3.03
C HIS B 253 -13.69 -11.75 -2.33
N ALA B 254 -13.58 -12.67 -1.38
CA ALA B 254 -12.34 -12.88 -0.64
C ALA B 254 -11.20 -13.33 -1.57
N VAL B 255 -11.48 -14.21 -2.54
CA VAL B 255 -10.46 -14.63 -3.49
C VAL B 255 -9.89 -13.41 -4.19
N ARG B 256 -10.78 -12.55 -4.72
CA ARG B 256 -10.28 -11.40 -5.50
C ARG B 256 -9.49 -10.48 -4.57
N GLN B 257 -9.95 -10.27 -3.33
CA GLN B 257 -9.22 -9.43 -2.38
C GLN B 257 -7.82 -9.99 -2.19
N VAL B 258 -7.76 -11.28 -1.83
CA VAL B 258 -6.47 -11.86 -1.46
C VAL B 258 -5.53 -11.89 -2.68
N ALA B 259 -6.04 -12.19 -3.88
CA ALA B 259 -5.21 -12.21 -5.08
C ALA B 259 -4.46 -10.87 -5.18
N GLU B 260 -5.16 -9.77 -4.98
CA GLU B 260 -4.56 -8.46 -5.12
C GLU B 260 -3.58 -8.21 -3.97
N LEU B 261 -3.94 -8.58 -2.73
CA LEU B 261 -3.02 -8.38 -1.62
C LEU B 261 -1.72 -9.14 -1.84
N LEU B 262 -1.81 -10.36 -2.36
CA LEU B 262 -0.63 -11.15 -2.61
C LEU B 262 0.21 -10.55 -3.73
N GLU B 263 -0.45 -9.99 -4.75
CA GLU B 263 0.29 -9.33 -5.84
C GLU B 263 0.98 -8.06 -5.30
N ALA B 264 0.44 -7.49 -4.21
CA ALA B 264 0.98 -6.28 -3.59
C ALA B 264 2.06 -6.62 -2.55
N GLY B 265 2.43 -7.90 -2.47
CA GLY B 265 3.55 -8.35 -1.64
C GLY B 265 3.32 -8.13 -0.14
N VAL B 266 2.08 -8.28 0.33
CA VAL B 266 1.83 -8.22 1.78
C VAL B 266 2.71 -9.26 2.50
N GLU B 267 3.06 -8.94 3.77
CA GLU B 267 3.95 -9.83 4.52
C GLU B 267 3.25 -11.13 4.88
N GLY B 268 1.92 -11.14 4.86
CA GLY B 268 1.14 -12.34 5.17
C GLY B 268 -0.35 -12.04 5.01
N VAL B 269 -1.17 -13.09 5.17
CA VAL B 269 -2.61 -12.93 5.23
C VAL B 269 -3.07 -13.73 6.45
N HIS B 270 -3.93 -13.10 7.25
CA HIS B 270 -4.54 -13.70 8.44
C HIS B 270 -6.01 -13.99 8.13
N PHE B 271 -6.41 -15.27 8.22
CA PHE B 271 -7.78 -15.64 7.90
C PHE B 271 -8.56 -15.89 9.19
N TYR B 272 -9.67 -15.19 9.32
CA TYR B 272 -10.66 -15.44 10.35
C TYR B 272 -11.59 -16.53 9.85
N THR B 273 -11.55 -17.66 10.53
CA THR B 273 -12.17 -18.88 10.06
C THR B 273 -13.16 -19.42 11.09
N LEU B 274 -14.47 -19.38 10.77
CA LEU B 274 -15.45 -20.07 11.60
C LEU B 274 -15.13 -21.58 11.57
N ASN B 275 -15.21 -22.20 12.75
CA ASN B 275 -14.68 -23.52 12.92
C ASN B 275 -15.29 -24.52 11.95
N LYS B 276 -16.60 -24.37 11.65
CA LYS B 276 -17.29 -25.38 10.85
C LYS B 276 -17.48 -24.87 9.40
N SER B 277 -16.95 -23.70 9.07
CA SER B 277 -17.15 -23.15 7.72
C SER B 277 -16.03 -23.63 6.79
N PRO B 278 -16.37 -24.08 5.56
CA PRO B 278 -15.36 -24.38 4.55
C PRO B 278 -14.88 -23.16 3.76
N ALA B 279 -15.35 -21.95 4.11
CA ALA B 279 -15.08 -20.79 3.24
C ALA B 279 -13.59 -20.51 3.10
N THR B 280 -12.83 -20.56 4.20
CA THR B 280 -11.41 -20.29 4.09
C THR B 280 -10.70 -21.33 3.21
N ARG B 281 -11.07 -22.58 3.38
CA ARG B 281 -10.49 -23.67 2.59
C ARG B 281 -10.81 -23.44 1.12
N MET B 282 -12.06 -23.01 0.82
CA MET B 282 -12.45 -22.76 -0.57
C MET B 282 -11.65 -21.59 -1.16
N VAL B 283 -11.40 -20.56 -0.37
CA VAL B 283 -10.60 -19.43 -0.82
C VAL B 283 -9.19 -19.89 -1.19
N LEU B 284 -8.57 -20.70 -0.32
CA LEU B 284 -7.21 -21.17 -0.54
C LEU B 284 -7.13 -22.07 -1.78
N GLU B 285 -8.16 -22.92 -1.99
CA GLU B 285 -8.22 -23.78 -3.17
C GLU B 285 -8.31 -22.93 -4.44
N ARG B 286 -9.15 -21.88 -4.43
CA ARG B 286 -9.37 -21.11 -5.65
C ARG B 286 -8.14 -20.30 -6.00
N LEU B 287 -7.33 -19.97 -5.02
CA LEU B 287 -6.07 -19.26 -5.20
C LEU B 287 -4.92 -20.20 -5.58
N GLY B 288 -5.14 -21.52 -5.57
CA GLY B 288 -4.10 -22.45 -5.91
C GLY B 288 -3.12 -22.70 -4.75
N LEU B 289 -3.55 -22.40 -3.53
CA LEU B 289 -2.68 -22.59 -2.36
C LEU B 289 -2.89 -23.95 -1.70
N ARG B 290 -4.01 -24.61 -2.00
CA ARG B 290 -4.27 -25.93 -1.42
C ARG B 290 -4.83 -26.76 -2.55
N PRO B 291 -4.65 -28.10 -2.53
CA PRO B 291 -5.19 -28.97 -3.58
C PRO B 291 -6.74 -28.90 -3.59
PA FAD C . 19.14 6.48 -10.89
O1A FAD C . 18.28 6.78 -9.70
O2A FAD C . 20.42 7.21 -11.01
O5B FAD C . 19.41 4.90 -10.99
C5B FAD C . 20.13 4.33 -12.10
C4B FAD C . 20.44 2.90 -11.76
O4B FAD C . 21.53 2.90 -10.78
C3B FAD C . 19.31 2.09 -11.10
O3B FAD C . 19.40 0.75 -11.57
C2B FAD C . 19.63 2.18 -9.62
O2B FAD C . 18.96 1.14 -8.92
C1B FAD C . 21.16 2.11 -9.67
N9A FAD C . 21.81 2.62 -8.45
C8A FAD C . 21.46 3.73 -7.76
N7A FAD C . 22.20 3.93 -6.68
C5A FAD C . 23.08 2.86 -6.67
C6A FAD C . 24.08 2.47 -5.76
N6A FAD C . 24.34 3.14 -4.62
N1A FAD C . 24.77 1.35 -6.09
C2A FAD C . 24.46 0.67 -7.20
N3A FAD C . 23.48 0.91 -8.10
C4A FAD C . 22.84 2.04 -7.77
N1 FAD C . 14.52 10.56 -18.53
C2 FAD C . 14.94 11.58 -19.32
O2 FAD C . 15.87 11.42 -20.05
N3 FAD C . 14.36 12.84 -19.21
C4 FAD C . 13.29 13.12 -18.39
O4 FAD C . 12.80 14.25 -18.35
C4X FAD C . 12.80 12.04 -17.60
N5 FAD C . 11.75 12.26 -16.81
C5X FAD C . 11.36 11.18 -16.01
C6 FAD C . 10.28 11.36 -15.14
C7 FAD C . 9.83 10.35 -14.33
C7M FAD C . 8.76 10.62 -13.34
C8 FAD C . 10.47 9.10 -14.41
C8M FAD C . 9.94 7.95 -13.58
C9 FAD C . 11.49 8.89 -15.30
C9A FAD C . 11.96 9.91 -16.13
N10 FAD C . 13.05 9.74 -16.99
C10 FAD C . 13.51 10.80 -17.74
C1' FAD C . 13.68 8.42 -17.24
C2' FAD C . 14.89 8.09 -16.37
O2' FAD C . 15.91 8.96 -16.75
C3' FAD C . 15.29 6.64 -16.68
O3' FAD C . 14.26 5.72 -16.20
C4' FAD C . 16.71 6.21 -16.28
O4' FAD C . 17.04 4.97 -16.90
C5' FAD C . 16.94 6.03 -14.78
O5' FAD C . 16.88 7.29 -14.13
P FAD C . 16.91 7.43 -12.57
O1P FAD C . 16.94 8.88 -12.23
O2P FAD C . 15.81 6.61 -11.98
O3P FAD C . 18.32 6.72 -12.25
H51A FAD C . 20.98 4.83 -12.26
H52A FAD C . 19.58 4.36 -12.92
H4B FAD C . 20.74 2.44 -12.57
H3B FAD C . 18.43 2.48 -11.29
HO3A FAD C . 18.90 0.26 -11.09
H2B FAD C . 19.34 3.06 -9.25
HO2A FAD C . 19.31 1.05 -8.15
H1B FAD C . 21.43 1.18 -9.82
H8A FAD C . 20.78 4.31 -8.02
H61A FAD C . 23.86 3.84 -4.41
H62A FAD C . 24.98 2.86 -4.09
H2A FAD C . 24.97 -0.12 -7.34
HN3 FAD C . 14.69 13.48 -19.72
H6 FAD C . 9.90 12.23 -15.06
HM71 FAD C . 8.52 9.81 -12.86
HM72 FAD C . 7.97 10.96 -13.79
HM73 FAD C . 9.06 11.28 -12.68
HM81 FAD C . 10.48 7.15 -13.75
HM82 FAD C . 9.02 7.77 -13.83
HM83 FAD C . 9.98 8.18 -12.64
H9 FAD C . 11.89 8.02 -15.35
H1'1 FAD C . 13.94 8.38 -18.17
H1'2 FAD C . 13.00 7.73 -17.10
H2' FAD C . 14.68 8.19 -15.42
HO2' FAD C . 15.85 9.16 -17.58
H3' FAD C . 15.27 6.58 -17.66
HO3' FAD C . 14.12 5.87 -15.38
H4' FAD C . 17.35 6.90 -16.61
HO4' FAD C . 16.95 5.00 -17.74
H5'1 FAD C . 17.81 5.62 -14.64
H5'2 FAD C . 16.25 5.44 -14.42
N1 FFO D . 11.18 5.74 -18.33
C2 FFO D . 12.27 5.56 -19.03
NA2 FFO D . 13.10 4.54 -18.81
N3 FFO D . 12.60 6.38 -20.07
C4 FFO D . 11.84 7.49 -20.41
O4 FFO D . 12.21 8.18 -21.40
C4A FFO D . 10.73 7.75 -19.60
N5 FFO D . 9.85 8.85 -19.75
C6 FFO D . 8.43 8.63 -19.44
C7 FFO D . 8.30 8.07 -18.04
N8 FFO D . 9.31 7.04 -17.82
C8A FFO D . 10.41 6.84 -18.59
C9 FFO D . 7.81 7.70 -20.49
N10 FFO D . 8.06 8.29 -21.80
C11 FFO D . 6.31 7.02 -25.34
C12 FFO D . 7.29 8.00 -25.34
C13 FFO D . 7.88 8.41 -24.16
C14 FFO D . 7.47 7.86 -22.96
C15 FFO D . 6.48 6.86 -22.95
C16 FFO D . 5.89 6.47 -24.14
C FFO D . 5.64 6.57 -26.61
O FFO D . 4.48 6.18 -26.56
N FFO D . 6.37 6.58 -27.73
CA FFO D . 5.88 5.97 -28.96
CB FFO D . 6.55 6.56 -30.20
CG FFO D . 6.24 8.04 -30.35
CD FFO D . 6.90 8.75 -31.51
OE1 FFO D . 6.50 9.90 -31.75
OE2 FFO D . 7.79 8.17 -32.18
CT FFO D . 6.06 4.44 -28.91
O1 FFO D . 5.29 3.79 -29.65
O2 FFO D . 7.00 3.97 -28.19
C5A FFO D . 10.30 10.11 -19.84
O5B FFO D . 11.49 10.39 -19.79
HN21 FFO D . 12.94 3.99 -18.14
HN22 FFO D . 13.79 4.42 -19.32
H6 FFO D . 7.97 9.50 -19.48
H7 FFO D . 7.40 7.69 -17.92
H91 FFO D . 6.85 7.63 -20.34
H92 FFO D . 8.23 6.81 -20.44
HN0 FFO D . 8.64 8.96 -21.85
H12 FFO D . 7.57 8.39 -26.15
H13 FFO D . 8.54 9.08 -24.18
H15 FFO D . 6.19 6.49 -22.13
H16 FFO D . 5.23 5.81 -24.12
HN FFO D . 7.16 6.95 -27.75
HA FFO D . 4.91 6.16 -29.02
HB1 FFO D . 6.24 6.09 -31.00
HB2 FFO D . 7.53 6.44 -30.12
HG1 FFO D . 6.52 8.50 -29.52
HG2 FFO D . 5.27 8.14 -30.43
H5A FFO D . 9.67 10.81 -19.95
H22 FFO D . 13.31 6.21 -20.55
H23 FFO D . 8.42 8.79 -17.38
H24 FFO D . 9.21 6.52 -17.15
CL CL E . 15.47 4.74 -7.50
C ACT F . -5.06 -18.94 21.59
O ACT F . -5.38 -17.82 21.05
OXT ACT F . -5.60 -19.48 22.62
CH3 ACT F . -3.81 -19.62 21.03
H1 ACT F . -3.66 -19.32 20.12
H2 ACT F . -3.94 -20.59 21.03
H3 ACT F . -3.04 -19.39 21.58
PA FAD G . -7.45 -0.55 22.02
O1A FAD G . -6.26 -0.54 21.17
O2A FAD G . -7.32 -0.57 23.50
O5B FAD G . -8.36 0.71 21.61
C5B FAD G . -9.63 0.96 22.21
C4B FAD G . -10.08 2.37 21.90
O4B FAD G . -9.29 3.30 22.70
C3B FAD G . -9.90 2.82 20.46
O3B FAD G . -10.95 3.69 20.09
C2B FAD G . -8.54 3.55 20.50
O2B FAD G . -8.38 4.49 19.48
C1B FAD G . -8.62 4.23 21.84
N9A FAD G . -7.35 4.56 22.46
C8A FAD G . -6.21 3.78 22.48
N7A FAD G . -5.27 4.34 23.23
C5A FAD G . -5.83 5.50 23.73
C6A FAD G . -5.35 6.51 24.58
N6A FAD G . -4.16 6.45 25.16
N1A FAD G . -6.18 7.53 24.93
C2A FAD G . -7.41 7.54 24.38
N3A FAD G . -7.97 6.65 23.54
C4A FAD G . -7.12 5.64 23.26
N1 FAD G . -11.45 -9.50 20.98
C2 FAD G . -11.59 -10.47 21.88
O2 FAD G . -12.37 -10.33 22.85
N3 FAD G . -10.88 -11.65 21.78
C4 FAD G . -9.96 -11.88 20.83
O4 FAD G . -9.31 -12.95 20.83
C4X FAD G . -9.84 -10.89 19.79
N5 FAD G . -9.01 -11.10 18.81
C5X FAD G . -8.87 -10.08 17.88
C6 FAD G . -7.94 -10.26 16.84
C7 FAD G . -7.75 -9.28 15.89
C7M FAD G . -6.70 -9.44 14.84
C8 FAD G . -8.53 -8.08 15.99
C8M FAD G . -8.44 -7.00 14.92
C9 FAD G . -9.47 -7.93 16.96
C9A FAD G . -9.65 -8.91 17.95
N10 FAD G . -10.55 -8.75 19.00
C10 FAD G . -10.66 -9.72 19.97
C1' FAD G . -11.45 -7.58 19.08
C2' FAD G . -10.96 -6.39 19.89
O2' FAD G . -10.90 -6.78 21.27
C3' FAD G . -12.01 -5.28 19.70
O3' FAD G . -11.97 -4.80 18.35
C4' FAD G . -11.97 -4.16 20.75
O4' FAD G . -13.15 -3.36 20.71
C5' FAD G . -10.85 -3.18 20.56
O5' FAD G . -9.61 -3.79 20.97
P FAD G . -8.22 -3.05 20.72
O1P FAD G . -7.17 -3.93 21.34
O2P FAD G . -8.03 -2.68 19.28
O3P FAD G . -8.44 -1.76 21.61
H51A FAD G . -9.57 0.83 23.19
H52A FAD G . -10.30 0.31 21.86
H4B FAD G . -11.02 2.46 22.15
H3B FAD G . -9.85 2.04 19.85
HO3A FAD G . -10.80 4.00 19.31
H2B FAD G . -7.80 2.89 20.48
HO2A FAD G . -8.04 4.11 18.79
H1B FAD G . -9.15 5.04 21.75
H8A FAD G . -6.10 2.97 22.04
H61A FAD G . -3.64 5.76 25.03
H62A FAD G . -3.89 7.11 25.68
H2A FAD G . -7.95 8.27 24.61
HN3 FAD G . -10.97 -12.21 22.45
H6 FAD G . -7.40 -11.04 16.84
HM71 FAD G . -6.71 -8.69 14.24
HM72 FAD G . -6.87 -10.26 14.34
HM73 FAD G . -5.83 -9.51 15.26
HM81 FAD G . -9.03 -6.26 15.16
HM82 FAD G . -8.71 -7.37 14.07
HM83 FAD G . -7.53 -6.68 14.86
H9 FAD G . -9.99 -7.12 16.99
H1'1 FAD G . -12.30 -7.87 19.45
H1'2 FAD G . -11.63 -7.28 18.17
H2' FAD G . -10.06 -6.09 19.57
HO2' FAD G . -11.49 -7.37 21.44
H3' FAD G . -12.89 -5.72 19.81
HO3' FAD G . -11.17 -4.67 18.12
H4' FAD G . -11.89 -4.57 21.67
HO4' FAD G . -13.84 -3.83 20.80
H5'1 FAD G . -11.01 -2.37 21.09
H5'2 FAD G . -10.79 -2.92 19.62
N1 FFO H . -13.63 -7.27 16.07
C2 FFO H . -14.36 -7.02 17.13
NA2 FFO H . -14.78 -5.78 17.42
N3 FFO H . -14.85 -8.04 17.93
C4 FFO H . -14.49 -9.36 17.77
O4 FFO H . -15.01 -10.21 18.52
C4A FFO H . -13.62 -9.61 16.71
N5 FFO H . -13.09 -10.90 16.37
C6 FFO H . -12.91 -11.21 14.95
C7 FFO H . -12.05 -10.11 14.32
N8 FFO H . -12.48 -8.78 14.74
C8A FFO H . -13.25 -8.55 15.83
C9 FFO H . -14.26 -11.36 14.25
N10 FFO H . -15.11 -12.25 15.02
C11 FFO H . -18.77 -13.77 13.76
C12 FFO H . -18.31 -14.02 15.04
C13 FFO H . -17.10 -13.49 15.45
C14 FFO H . -16.34 -12.74 14.56
C15 FFO H . -16.80 -12.48 13.29
C16 FFO H . -18.02 -12.99 12.89
C FFO H . -20.11 -14.28 13.28
O FFO H . -20.26 -14.58 12.10
N FFO H . -21.09 -14.42 14.19
CA FFO H . -22.45 -14.73 13.82
CB FFO H . -23.20 -15.40 14.98
CG FFO H . -22.99 -16.90 14.95
CD FFO H . -23.50 -17.68 16.16
OE1 FFO H . -24.45 -17.18 16.81
OE2 FFO H . -22.97 -18.78 16.43
CT FFO H . -23.16 -13.46 13.31
O1 FFO H . -22.72 -12.29 13.68
O2 FFO H . -24.11 -13.68 12.54
C5A FFO H . -12.48 -11.65 17.32
O5B FFO H . -12.54 -11.36 18.54
HN21 FFO H . -14.44 -5.10 16.99
HN22 FFO H . -15.39 -5.65 18.04
H6 FFO H . -12.42 -12.07 14.88
H7 FFO H . -12.11 -10.17 13.35
H91 FFO H . -14.12 -11.72 13.36
H92 FFO H . -14.68 -10.48 14.17
HN0 FFO H . -14.85 -12.49 15.82
H12 FFO H . -18.82 -14.52 15.64
H13 FFO H . -16.79 -13.68 16.32
H15 FFO H . -16.29 -11.96 12.69
H16 FFO H . -18.33 -12.82 12.02
HN FFO H . -20.90 -14.33 15.04
HA FFO H . -22.42 -15.37 13.07
HB1 FFO H . -24.16 -15.20 14.91
HB2 FFO H . -22.87 -15.03 15.82
HG1 FFO H . -22.03 -17.08 14.87
HG2 FFO H . -23.42 -17.26 14.15
H5A FFO H . -12.00 -12.42 17.05
H22 FFO H . -15.37 -7.83 18.61
H23 FFO H . -11.12 -10.25 14.59
H24 FFO H . -12.23 -8.11 14.30
CL CL I . 8.91 -15.15 34.46
CL CL J . -5.17 0.76 17.30
#